data_5UFA
#
_entry.id   5UFA
#
_cell.length_a   164.190
_cell.length_b   164.190
_cell.length_c   167.730
_cell.angle_alpha   90.000
_cell.angle_beta   90.000
_cell.angle_gamma   90.000
#
_symmetry.space_group_name_H-M   'I 41 2 2'
#
loop_
_entity.id
_entity.type
_entity.pdbx_description
1 polymer Oxidoreductase
2 non-polymer 'FLAVIN-ADENINE DINUCLEOTIDE'
3 non-polymer 'NADP NICOTINAMIDE-ADENINE-DINUCLEOTIDE PHOSPHATE'
4 water water
#
_entity_poly.entity_id   1
_entity_poly.type   'polypeptide(L)'
_entity_poly.pdbx_seq_one_letter_code
;MAHHHHHHMAASPEAKFTEEKILWVKHHTPKLITFAISRPESYRFKAGQFSRLGFYEGKGFIWRAYSVVSAEYADTLEYF
AVLIQDGPMSALFAKMQQGDTILLDKNATGFLLPERFPDGKDLVMLCTGSGIAPFLSILEQPEIRQRFDTVNLIHSVSFP
EELIFNDRLAALSEHPLVGEYGHSFRFVPVTTRAANPSGLSGKRIPELLKNNSIEQALHTKLTPESTRFMICGNPEMVKD
TFQTLLDMGYAMHRNRIPGQIMMENGF
;
_entity_poly.pdbx_strand_id   A,B,C
#
# COMPACT_ATOMS: atom_id res chain seq x y z
N GLU A 14 0.44 -10.09 26.80
CA GLU A 14 0.75 -11.48 27.09
C GLU A 14 2.22 -11.86 26.81
N ALA A 15 2.43 -12.77 25.86
CA ALA A 15 3.78 -13.23 25.58
C ALA A 15 4.51 -12.26 24.65
N LYS A 16 5.81 -12.53 24.47
CA LYS A 16 6.64 -11.73 23.58
C LYS A 16 6.58 -12.22 22.14
N PHE A 17 5.79 -13.26 21.87
CA PHE A 17 5.71 -13.85 20.54
C PHE A 17 4.31 -14.41 20.32
N THR A 18 4.02 -14.78 19.08
CA THR A 18 2.78 -15.49 18.76
C THR A 18 3.13 -16.81 18.06
N GLU A 19 2.19 -17.74 18.10
CA GLU A 19 2.32 -19.00 17.36
C GLU A 19 1.71 -18.84 15.98
N GLU A 20 2.55 -18.94 14.95
CA GLU A 20 2.11 -18.88 13.57
C GLU A 20 2.31 -20.24 12.90
N LYS A 21 1.92 -20.32 11.63
CA LYS A 21 2.05 -21.54 10.86
C LYS A 21 2.89 -21.31 9.63
N ILE A 22 3.66 -22.33 9.26
CA ILE A 22 4.33 -22.35 7.97
C ILE A 22 3.26 -22.56 6.91
N LEU A 23 3.14 -21.62 6.00
CA LEU A 23 2.18 -21.78 4.91
C LEU A 23 2.76 -22.56 3.74
N TRP A 24 4.05 -22.40 3.45
CA TRP A 24 4.67 -23.19 2.40
C TRP A 24 6.18 -23.08 2.54
N VAL A 25 6.89 -24.04 1.93
CA VAL A 25 8.36 -24.04 1.88
C VAL A 25 8.79 -24.42 0.47
N LYS A 26 9.65 -23.62 -0.11
CA LYS A 26 10.21 -23.84 -1.44
C LYS A 26 11.69 -24.16 -1.28
N HIS A 27 12.12 -25.34 -1.73
CA HIS A 27 13.53 -25.74 -1.70
C HIS A 27 14.14 -25.45 -3.07
N HIS A 28 14.67 -24.23 -3.22
CA HIS A 28 15.22 -23.80 -4.51
C HIS A 28 16.45 -24.62 -4.88
N THR A 29 17.35 -24.86 -3.92
CA THR A 29 18.48 -25.78 -4.08
C THR A 29 18.54 -26.60 -2.79
N PRO A 30 19.41 -27.60 -2.70
CA PRO A 30 19.54 -28.31 -1.42
C PRO A 30 19.93 -27.41 -0.24
N LYS A 31 20.49 -26.21 -0.46
CA LYS A 31 20.94 -25.37 0.65
C LYS A 31 20.19 -24.06 0.77
N LEU A 32 19.32 -23.72 -0.18
CA LEU A 32 18.64 -22.44 -0.24
C LEU A 32 17.14 -22.65 -0.24
N ILE A 33 16.46 -22.04 0.71
CA ILE A 33 15.02 -22.15 0.80
C ILE A 33 14.42 -20.77 0.98
N THR A 34 13.18 -20.63 0.51
CA THR A 34 12.29 -19.57 0.95
C THR A 34 11.09 -20.24 1.61
N PHE A 35 10.41 -19.49 2.48
CA PHE A 35 9.21 -20.03 3.10
C PHE A 35 8.36 -18.86 3.59
N ALA A 36 7.08 -19.13 3.86
CA ALA A 36 6.15 -18.10 4.29
C ALA A 36 5.40 -18.54 5.53
N ILE A 37 5.11 -17.58 6.41
CA ILE A 37 4.40 -17.84 7.66
C ILE A 37 3.18 -16.93 7.74
N SER A 38 2.16 -17.39 8.47
CA SER A 38 0.96 -16.59 8.69
C SER A 38 1.33 -15.32 9.42
N ARG A 39 0.63 -14.24 9.08
CA ARG A 39 0.95 -12.91 9.58
C ARG A 39 -0.14 -12.38 10.49
N PRO A 40 0.10 -12.23 11.78
CA PRO A 40 -0.91 -11.64 12.66
C PRO A 40 -1.23 -10.22 12.22
N GLU A 41 -2.49 -9.81 12.39
CA GLU A 41 -2.89 -8.52 11.84
C GLU A 41 -2.11 -7.38 12.47
N SER A 42 -1.64 -7.55 13.70
CA SER A 42 -0.94 -6.50 14.42
C SER A 42 0.57 -6.55 14.24
N TYR A 43 1.10 -7.36 13.32
CA TYR A 43 2.54 -7.42 13.09
C TYR A 43 2.90 -6.40 12.02
N ARG A 44 3.63 -5.38 12.42
CA ARG A 44 4.02 -4.30 11.53
C ARG A 44 5.54 -4.23 11.51
N PHE A 45 6.09 -4.00 10.33
CA PHE A 45 7.52 -3.89 10.13
C PHE A 45 7.76 -2.89 9.03
N LYS A 46 8.97 -2.34 9.01
CA LYS A 46 9.39 -1.46 7.94
C LYS A 46 10.28 -2.25 7.00
N ALA A 47 10.07 -2.05 5.70
CA ALA A 47 10.90 -2.70 4.70
C ALA A 47 12.36 -2.51 5.06
N GLY A 48 13.10 -3.62 5.09
CA GLY A 48 14.49 -3.61 5.51
C GLY A 48 14.72 -4.19 6.89
N GLN A 49 13.66 -4.44 7.66
CA GLN A 49 13.81 -4.94 9.02
C GLN A 49 13.79 -6.47 9.05
N PHE A 50 14.10 -7.03 10.23
CA PHE A 50 14.08 -8.47 10.44
C PHE A 50 13.16 -8.83 11.60
N SER A 51 12.63 -10.04 11.50
CA SER A 51 11.86 -10.71 12.52
C SER A 51 12.80 -11.58 13.34
N ARG A 52 12.32 -12.05 14.47
CA ARG A 52 12.96 -13.15 15.19
CA ARG A 52 12.95 -13.14 15.20
C ARG A 52 12.01 -14.34 15.12
N LEU A 53 12.50 -15.43 14.54
CA LEU A 53 11.70 -16.64 14.41
C LEU A 53 12.25 -17.68 15.37
N GLY A 54 11.37 -18.50 15.89
CA GLY A 54 11.81 -19.49 16.84
C GLY A 54 10.96 -20.74 16.79
N PHE A 55 11.41 -21.69 17.59
CA PHE A 55 10.69 -22.92 17.85
C PHE A 55 10.84 -23.24 19.34
N TYR A 56 9.87 -23.95 19.86
CA TYR A 56 10.06 -24.62 21.13
C TYR A 56 11.18 -25.63 20.94
N GLU A 57 12.14 -25.62 21.86
CA GLU A 57 13.25 -26.56 21.92
C GLU A 57 13.14 -27.18 23.32
N GLY A 58 12.40 -28.28 23.40
CA GLY A 58 12.12 -28.90 24.69
C GLY A 58 11.41 -27.94 25.63
N LYS A 59 12.00 -27.79 26.81
CA LYS A 59 11.48 -26.88 27.82
C LYS A 59 11.88 -25.44 27.55
N GLY A 60 12.65 -25.19 26.50
CA GLY A 60 13.14 -23.88 26.16
C GLY A 60 12.84 -23.50 24.71
N PHE A 61 13.70 -22.63 24.17
CA PHE A 61 13.46 -22.06 22.86
C PHE A 61 14.73 -22.08 22.04
N ILE A 62 14.57 -21.87 20.73
CA ILE A 62 15.67 -21.48 19.86
C ILE A 62 15.17 -20.34 18.97
N TRP A 63 15.95 -19.27 18.91
CA TRP A 63 15.58 -18.06 18.19
C TRP A 63 16.70 -17.65 17.24
N ARG A 64 16.30 -17.15 16.05
CA ARG A 64 17.20 -16.56 15.08
C ARG A 64 16.50 -15.37 14.40
N ALA A 65 17.30 -14.47 13.84
CA ALA A 65 16.80 -13.31 13.10
C ALA A 65 16.77 -13.63 11.60
N TYR A 66 15.74 -13.12 10.90
CA TYR A 66 15.64 -13.23 9.43
C TYR A 66 15.01 -11.96 8.87
N SER A 67 15.63 -11.38 7.83
CA SER A 67 15.05 -10.20 7.20
C SER A 67 13.77 -10.56 6.47
N VAL A 68 12.74 -9.72 6.61
CA VAL A 68 11.50 -9.98 5.88
C VAL A 68 11.73 -9.72 4.40
N VAL A 69 11.44 -10.72 3.58
CA VAL A 69 11.60 -10.59 2.14
C VAL A 69 10.36 -9.98 1.47
N SER A 70 9.16 -10.24 2.00
CA SER A 70 7.88 -9.85 1.41
C SER A 70 7.58 -8.39 1.70
N ALA A 71 6.56 -7.87 1.01
CA ALA A 71 6.25 -6.45 1.09
C ALA A 71 5.53 -6.12 2.40
N GLU A 72 5.69 -4.87 2.84
CA GLU A 72 4.93 -4.39 3.99
C GLU A 72 3.43 -4.63 3.85
N TYR A 73 2.89 -4.50 2.63
CA TYR A 73 1.47 -4.60 2.42
C TYR A 73 0.99 -6.04 2.22
N ALA A 74 1.91 -6.99 2.08
CA ALA A 74 1.51 -8.37 1.83
C ALA A 74 0.86 -8.99 3.07
N ASP A 75 0.05 -10.02 2.83
CA ASP A 75 -0.76 -10.67 3.87
C ASP A 75 -0.09 -11.88 4.50
N THR A 76 1.11 -12.27 4.05
CA THR A 76 1.90 -13.29 4.72
C THR A 76 3.26 -12.69 5.03
N LEU A 77 4.09 -13.44 5.74
CA LEU A 77 5.46 -13.03 5.97
C LEU A 77 6.37 -14.06 5.32
N GLU A 78 7.30 -13.59 4.51
CA GLU A 78 8.15 -14.44 3.69
C GLU A 78 9.59 -14.26 4.13
N TYR A 79 10.37 -15.36 4.10
CA TYR A 79 11.78 -15.32 4.51
C TYR A 79 12.65 -16.16 3.59
N PHE A 80 13.96 -15.91 3.65
CA PHE A 80 14.93 -16.54 2.77
C PHE A 80 16.12 -17.02 3.60
N ALA A 81 16.37 -18.34 3.62
CA ALA A 81 17.34 -18.90 4.54
C ALA A 81 18.39 -19.74 3.84
N VAL A 82 19.66 -19.53 4.20
CA VAL A 82 20.75 -20.43 3.79
C VAL A 82 20.87 -21.52 4.84
N LEU A 83 20.79 -22.79 4.42
CA LEU A 83 20.93 -23.90 5.35
C LEU A 83 22.40 -24.11 5.69
N ILE A 84 22.75 -23.93 6.97
CA ILE A 84 24.12 -24.03 7.41
C ILE A 84 24.42 -25.44 7.87
N GLN A 85 25.46 -26.03 7.30
CA GLN A 85 25.93 -27.33 7.73
C GLN A 85 26.13 -27.35 9.24
N ASP A 86 25.48 -28.30 9.91
CA ASP A 86 25.53 -28.46 11.36
C ASP A 86 24.94 -27.28 12.13
N GLY A 87 24.24 -26.36 11.46
CA GLY A 87 23.54 -25.30 12.16
C GLY A 87 22.32 -25.84 12.88
N PRO A 88 22.13 -25.41 14.14
CA PRO A 88 20.94 -25.85 14.88
C PRO A 88 19.64 -25.40 14.23
N MET A 89 19.54 -24.13 13.84
CA MET A 89 18.29 -23.68 13.25
C MET A 89 18.16 -24.22 11.83
N SER A 90 19.27 -24.31 11.11
CA SER A 90 19.23 -24.91 9.78
C SER A 90 18.64 -26.31 9.85
N ALA A 91 19.01 -27.08 10.87
CA ALA A 91 18.53 -28.45 10.99
C ALA A 91 17.01 -28.50 11.11
N LEU A 92 16.42 -27.58 11.88
CA LEU A 92 14.95 -27.53 11.94
C LEU A 92 14.35 -27.07 10.61
N PHE A 93 14.90 -26.00 10.01
CA PHE A 93 14.37 -25.50 8.74
C PHE A 93 14.38 -26.58 7.66
N ALA A 94 15.39 -27.44 7.68
CA ALA A 94 15.52 -28.43 6.62
C ALA A 94 14.44 -29.50 6.69
N LYS A 95 13.81 -29.72 7.84
CA LYS A 95 12.74 -30.70 7.96
C LYS A 95 11.36 -30.09 8.18
N MET A 96 11.25 -28.77 8.29
CA MET A 96 9.93 -28.18 8.55
C MET A 96 9.04 -28.33 7.33
N GLN A 97 7.74 -28.36 7.60
CA GLN A 97 6.78 -28.57 6.53
C GLN A 97 5.60 -27.63 6.71
N GLN A 98 4.82 -27.49 5.65
CA GLN A 98 3.63 -26.66 5.68
C GLN A 98 2.72 -27.15 6.80
N GLY A 99 2.20 -26.23 7.60
CA GLY A 99 1.37 -26.55 8.74
C GLY A 99 2.11 -26.60 10.05
N ASP A 100 3.44 -26.62 10.02
CA ASP A 100 4.20 -26.62 11.28
C ASP A 100 4.00 -25.30 12.02
N THR A 101 4.01 -25.41 13.34
CA THR A 101 4.00 -24.23 14.18
C THR A 101 5.37 -23.57 14.17
N ILE A 102 5.40 -22.26 14.00
CA ILE A 102 6.64 -21.50 14.14
C ILE A 102 6.30 -20.25 14.93
N LEU A 103 7.25 -19.82 15.76
CA LEU A 103 7.03 -18.71 16.66
C LEU A 103 7.51 -17.42 16.02
N LEU A 104 6.70 -16.37 16.14
CA LEU A 104 7.05 -15.07 15.60
C LEU A 104 7.13 -14.08 16.76
N ASP A 105 8.33 -13.57 17.02
CA ASP A 105 8.48 -12.47 17.96
C ASP A 105 7.57 -11.33 17.52
N LYS A 106 6.85 -10.76 18.47
CA LYS A 106 5.90 -9.69 18.17
C LYS A 106 6.56 -8.42 17.61
N ASN A 107 7.88 -8.28 17.74
CA ASN A 107 8.53 -7.03 17.34
C ASN A 107 9.53 -7.26 16.22
N ALA A 108 9.50 -6.34 15.26
CA ALA A 108 10.46 -6.24 14.17
C ALA A 108 11.53 -5.21 14.52
N THR A 109 12.75 -5.44 14.05
CA THR A 109 13.90 -4.64 14.46
C THR A 109 14.73 -4.29 13.24
N GLY A 110 15.58 -3.28 13.39
CA GLY A 110 16.58 -3.00 12.37
C GLY A 110 16.56 -1.58 11.86
N PHE A 111 17.72 -1.12 11.40
CA PHE A 111 17.87 0.28 11.00
C PHE A 111 18.23 0.45 9.53
N LEU A 112 18.14 -0.61 8.72
CA LEU A 112 18.35 -0.48 7.27
C LEU A 112 17.15 0.22 6.65
N LEU A 113 17.16 1.55 6.71
CA LEU A 113 15.98 2.33 6.31
C LEU A 113 16.39 3.47 5.37
N PRO A 114 16.29 3.26 4.06
CA PRO A 114 16.82 4.25 3.11
C PRO A 114 16.09 5.58 3.11
N GLU A 115 14.87 5.63 3.63
CA GLU A 115 14.16 6.89 3.69
C GLU A 115 14.81 7.85 4.69
N ARG A 116 15.70 7.36 5.57
CA ARG A 116 16.43 8.25 6.46
C ARG A 116 17.42 9.11 5.68
N PHE A 117 17.81 8.70 4.48
CA PHE A 117 18.65 9.54 3.63
C PHE A 117 17.88 10.78 3.24
N PRO A 118 18.42 11.98 3.48
CA PRO A 118 17.69 13.19 3.07
C PRO A 118 17.45 13.27 1.58
N ASP A 119 18.50 13.04 0.79
CA ASP A 119 18.48 13.18 -0.66
C ASP A 119 19.36 12.09 -1.28
N GLY A 120 19.70 12.30 -2.55
CA GLY A 120 20.49 11.34 -3.28
C GLY A 120 19.83 11.01 -4.61
N LYS A 121 20.63 10.92 -5.66
CA LYS A 121 20.07 10.62 -6.97
C LYS A 121 19.94 9.12 -7.19
N ASP A 122 20.91 8.33 -6.72
CA ASP A 122 21.03 6.94 -7.10
C ASP A 122 21.21 6.10 -5.84
N LEU A 123 20.30 5.15 -5.62
CA LEU A 123 20.41 4.22 -4.51
C LEU A 123 21.09 2.95 -4.99
N VAL A 124 22.15 2.54 -4.31
CA VAL A 124 22.89 1.32 -4.64
C VAL A 124 22.86 0.41 -3.41
N MET A 125 22.23 -0.75 -3.55
CA MET A 125 22.19 -1.76 -2.50
C MET A 125 23.20 -2.88 -2.82
N LEU A 126 24.13 -3.13 -1.90
CA LEU A 126 25.19 -4.12 -2.07
C LEU A 126 25.02 -5.24 -1.04
N CYS A 127 24.90 -6.48 -1.52
CA CYS A 127 24.67 -7.60 -0.63
C CYS A 127 25.40 -8.86 -1.09
N THR A 128 25.56 -9.80 -0.14
CA THR A 128 26.08 -11.13 -0.39
C THR A 128 25.09 -12.16 0.11
N GLY A 129 24.94 -13.25 -0.66
CA GLY A 129 24.19 -14.39 -0.17
C GLY A 129 22.79 -14.01 0.22
N SER A 130 22.41 -14.37 1.46
CA SER A 130 21.06 -14.11 1.95
C SER A 130 20.84 -12.66 2.34
N GLY A 131 21.89 -11.85 2.40
CA GLY A 131 21.70 -10.43 2.68
C GLY A 131 20.87 -9.70 1.63
N ILE A 132 20.50 -10.36 0.53
CA ILE A 132 19.61 -9.75 -0.45
C ILE A 132 18.23 -9.55 0.14
N ALA A 133 17.88 -10.37 1.13
CA ALA A 133 16.50 -10.43 1.63
C ALA A 133 15.91 -9.06 1.98
N PRO A 134 16.52 -8.23 2.83
CA PRO A 134 15.87 -6.96 3.16
C PRO A 134 15.68 -6.07 1.95
N PHE A 135 16.59 -6.13 1.00
CA PHE A 135 16.46 -5.26 -0.15
C PHE A 135 15.26 -5.65 -1.01
N LEU A 136 14.91 -6.94 -1.04
CA LEU A 136 13.70 -7.36 -1.76
C LEU A 136 12.47 -6.71 -1.17
N SER A 137 12.40 -6.61 0.16
CA SER A 137 11.26 -5.92 0.74
C SER A 137 11.34 -4.41 0.50
N ILE A 138 12.55 -3.85 0.56
CA ILE A 138 12.71 -2.40 0.31
C ILE A 138 12.26 -2.07 -1.10
N LEU A 139 12.52 -2.98 -2.04
CA LEU A 139 12.14 -2.77 -3.44
C LEU A 139 10.64 -2.67 -3.65
N GLU A 140 9.82 -3.08 -2.68
CA GLU A 140 8.38 -2.98 -2.87
C GLU A 140 7.78 -1.66 -2.39
N GLN A 141 8.55 -0.83 -1.70
CA GLN A 141 8.01 0.43 -1.16
C GLN A 141 7.89 1.46 -2.28
N PRO A 142 6.68 1.93 -2.62
CA PRO A 142 6.56 2.86 -3.76
C PRO A 142 7.37 4.13 -3.61
N GLU A 143 7.52 4.67 -2.38
CA GLU A 143 8.24 5.92 -2.18
C GLU A 143 9.74 5.79 -2.44
N ILE A 144 10.32 4.60 -2.27
CA ILE A 144 11.75 4.43 -2.57
C ILE A 144 12.02 4.70 -4.04
N ARG A 145 11.18 4.15 -4.92
CA ARG A 145 11.36 4.36 -6.35
C ARG A 145 11.06 5.80 -6.73
N GLN A 146 10.19 6.50 -5.99
CA GLN A 146 9.88 7.88 -6.33
C GLN A 146 11.00 8.85 -5.95
N ARG A 147 11.76 8.57 -4.89
CA ARG A 147 12.70 9.57 -4.44
C ARG A 147 14.10 9.38 -5.02
N PHE A 148 14.37 8.24 -5.64
CA PHE A 148 15.68 8.00 -6.22
C PHE A 148 15.54 7.89 -7.73
N ASP A 149 16.44 8.58 -8.43
CA ASP A 149 16.40 8.58 -9.88
C ASP A 149 16.66 7.18 -10.42
N THR A 150 17.57 6.45 -9.79
CA THR A 150 17.77 5.04 -10.10
C THR A 150 17.89 4.28 -8.80
N VAL A 151 17.49 3.02 -8.84
CA VAL A 151 17.61 2.11 -7.72
C VAL A 151 18.35 0.87 -8.24
N ASN A 152 19.45 0.52 -7.59
CA ASN A 152 20.38 -0.50 -8.10
C ASN A 152 20.62 -1.57 -7.05
N LEU A 153 20.65 -2.82 -7.49
CA LEU A 153 20.85 -3.93 -6.57
C LEU A 153 21.94 -4.81 -7.14
N ILE A 154 23.07 -4.88 -6.40
CA ILE A 154 24.20 -5.74 -6.74
C ILE A 154 24.26 -6.86 -5.70
N HIS A 155 24.17 -8.10 -6.19
CA HIS A 155 24.03 -9.30 -5.37
C HIS A 155 25.22 -10.23 -5.65
N SER A 156 26.01 -10.52 -4.62
CA SER A 156 27.20 -11.36 -4.78
C SER A 156 26.95 -12.74 -4.17
N VAL A 157 27.11 -13.78 -5.00
CA VAL A 157 27.08 -15.17 -4.57
C VAL A 157 28.23 -15.90 -5.26
N SER A 158 28.50 -17.12 -4.81
CA SER A 158 29.64 -17.83 -5.39
C SER A 158 29.30 -18.43 -6.75
N PHE A 159 28.10 -18.97 -6.92
CA PHE A 159 27.76 -19.66 -8.16
C PHE A 159 26.38 -19.23 -8.64
N PRO A 160 26.15 -19.19 -9.96
CA PRO A 160 24.88 -18.65 -10.49
C PRO A 160 23.63 -19.40 -10.02
N GLU A 161 23.74 -20.69 -9.68
CA GLU A 161 22.59 -21.42 -9.13
C GLU A 161 22.09 -20.83 -7.82
N GLU A 162 22.91 -20.03 -7.15
CA GLU A 162 22.50 -19.39 -5.91
C GLU A 162 21.78 -18.08 -6.13
N LEU A 163 21.75 -17.58 -7.37
CA LEU A 163 21.02 -16.36 -7.70
C LEU A 163 19.54 -16.71 -7.90
N ILE A 164 18.89 -17.08 -6.80
CA ILE A 164 17.55 -17.66 -6.91
C ILE A 164 16.47 -16.63 -7.23
N PHE A 165 16.74 -15.35 -7.09
CA PHE A 165 15.77 -14.33 -7.45
C PHE A 165 16.07 -13.71 -8.80
N ASN A 166 17.05 -14.27 -9.52
CA ASN A 166 17.54 -13.70 -10.78
C ASN A 166 16.42 -13.48 -11.78
N ASP A 167 15.57 -14.48 -12.00
CA ASP A 167 14.59 -14.37 -13.08
C ASP A 167 13.71 -13.12 -12.92
N ARG A 168 13.17 -12.89 -11.72
CA ARG A 168 12.23 -11.77 -11.59
C ARG A 168 12.94 -10.41 -11.41
N LEU A 169 14.01 -10.34 -10.62
CA LEU A 169 14.77 -9.10 -10.54
C LEU A 169 15.14 -8.62 -11.94
N ALA A 170 15.68 -9.53 -12.76
CA ALA A 170 16.03 -9.17 -14.13
C ALA A 170 14.79 -8.78 -14.93
N ALA A 171 13.62 -9.34 -14.57
CA ALA A 171 12.37 -8.95 -15.21
C ALA A 171 11.91 -7.57 -14.76
N LEU A 172 12.17 -7.23 -13.50
CA LEU A 172 11.88 -5.88 -13.02
C LEU A 172 12.79 -4.84 -13.66
N SER A 173 14.05 -5.21 -13.98
CA SER A 173 14.99 -4.29 -14.61
C SER A 173 14.61 -3.93 -16.04
N GLU A 174 13.79 -4.75 -16.69
CA GLU A 174 13.37 -4.54 -18.08
C GLU A 174 11.86 -4.36 -18.22
N HIS A 183 12.08 6.32 -13.75
CA HIS A 183 13.01 5.99 -12.68
C HIS A 183 13.44 4.51 -12.74
N SER A 184 14.66 4.28 -13.23
CA SER A 184 15.07 2.94 -13.61
C SER A 184 15.49 2.10 -12.41
N PHE A 185 15.32 0.79 -12.53
CA PHE A 185 15.85 -0.18 -11.60
C PHE A 185 16.83 -1.09 -12.33
N ARG A 186 18.01 -1.30 -11.74
CA ARG A 186 19.05 -2.13 -12.33
C ARG A 186 19.41 -3.23 -11.35
N PHE A 187 19.60 -4.43 -11.89
CA PHE A 187 20.08 -5.59 -11.16
C PHE A 187 21.39 -6.06 -11.80
N VAL A 188 22.41 -6.22 -10.97
CA VAL A 188 23.71 -6.74 -11.40
C VAL A 188 24.09 -7.95 -10.55
N PRO A 189 24.00 -9.16 -11.08
CA PRO A 189 24.53 -10.32 -10.35
C PRO A 189 26.04 -10.39 -10.41
N VAL A 190 26.61 -10.77 -9.28
CA VAL A 190 28.04 -11.02 -9.14
C VAL A 190 28.18 -12.46 -8.68
N THR A 191 28.89 -13.27 -9.48
CA THR A 191 29.22 -14.64 -9.11
C THR A 191 30.75 -14.72 -8.96
N THR A 192 31.21 -15.07 -7.77
CA THR A 192 32.62 -14.93 -7.43
C THR A 192 33.47 -16.14 -7.77
N ARG A 193 32.87 -17.32 -7.94
CA ARG A 193 33.60 -18.55 -8.22
C ARG A 193 33.22 -19.24 -9.52
N ALA A 194 32.37 -18.63 -10.33
CA ALA A 194 32.09 -19.14 -11.67
C ALA A 194 31.53 -18.00 -12.52
N ALA A 195 31.64 -18.17 -13.83
CA ALA A 195 31.14 -17.17 -14.76
C ALA A 195 29.62 -17.09 -14.69
N ASN A 196 29.10 -15.89 -14.93
CA ASN A 196 27.68 -15.67 -15.16
C ASN A 196 27.61 -14.71 -16.33
N PRO A 197 26.67 -14.94 -17.25
CA PRO A 197 26.67 -14.15 -18.48
C PRO A 197 26.23 -12.72 -18.26
N SER A 198 25.17 -12.51 -17.47
CA SER A 198 24.55 -11.20 -17.39
C SER A 198 25.39 -10.19 -16.62
N GLY A 199 26.04 -10.61 -15.53
CA GLY A 199 26.65 -9.64 -14.64
C GLY A 199 28.16 -9.68 -14.54
N LEU A 200 28.68 -9.59 -13.33
CA LEU A 200 30.12 -9.57 -13.09
C LEU A 200 30.56 -10.89 -12.46
N SER A 201 31.71 -11.40 -12.88
CA SER A 201 32.15 -12.70 -12.40
C SER A 201 33.60 -12.64 -11.99
N GLY A 202 33.95 -13.37 -10.95
CA GLY A 202 35.34 -13.61 -10.58
C GLY A 202 35.89 -12.69 -9.51
N LYS A 203 35.17 -11.62 -9.15
CA LYS A 203 35.67 -10.59 -8.27
C LYS A 203 34.63 -10.18 -7.25
N ARG A 204 35.09 -9.92 -6.03
CA ARG A 204 34.20 -9.52 -4.96
C ARG A 204 33.84 -8.04 -5.09
N ILE A 205 32.79 -7.67 -4.36
CA ILE A 205 32.25 -6.32 -4.46
C ILE A 205 33.28 -5.23 -4.13
N PRO A 206 34.06 -5.32 -3.05
CA PRO A 206 35.02 -4.23 -2.80
C PRO A 206 35.94 -3.95 -3.97
N GLU A 207 36.45 -4.98 -4.63
CA GLU A 207 37.29 -4.73 -5.79
C GLU A 207 36.50 -4.18 -6.97
N LEU A 208 35.24 -4.60 -7.13
CA LEU A 208 34.42 -4.11 -8.22
C LEU A 208 34.07 -2.64 -8.03
N LEU A 209 34.00 -2.18 -6.78
CA LEU A 209 33.91 -0.75 -6.53
C LEU A 209 35.22 -0.07 -6.87
N LYS A 210 36.35 -0.68 -6.49
CA LYS A 210 37.64 -0.03 -6.69
C LYS A 210 37.99 0.10 -8.17
N ASN A 211 37.74 -0.94 -8.99
CA ASN A 211 38.17 -0.92 -10.37
C ASN A 211 37.14 -0.34 -11.32
N ASN A 212 36.09 0.32 -10.79
CA ASN A 212 35.00 0.96 -11.53
C ASN A 212 34.03 0.02 -12.26
N SER A 213 34.09 -1.29 -12.00
CA SER A 213 33.21 -2.22 -12.71
C SER A 213 31.74 -2.00 -12.36
N ILE A 214 31.42 -1.81 -11.08
CA ILE A 214 30.02 -1.60 -10.70
C ILE A 214 29.52 -0.28 -11.30
N GLU A 215 30.34 0.76 -11.23
CA GLU A 215 29.92 2.04 -11.80
C GLU A 215 29.69 1.90 -13.29
N GLN A 216 30.53 1.13 -13.98
CA GLN A 216 30.34 0.93 -15.41
C GLN A 216 29.13 0.05 -15.69
N ALA A 217 28.90 -0.97 -14.87
CA ALA A 217 27.77 -1.88 -15.09
C ALA A 217 26.43 -1.16 -14.99
N LEU A 218 26.34 -0.17 -14.10
CA LEU A 218 25.13 0.62 -13.86
C LEU A 218 24.97 1.77 -14.85
N HIS A 219 26.03 2.15 -15.57
CA HIS A 219 25.98 3.30 -16.47
C HIS A 219 25.58 4.57 -15.72
N THR A 220 26.07 4.68 -14.49
CA THR A 220 25.77 5.83 -13.66
C THR A 220 27.07 6.17 -12.95
N LYS A 221 27.50 7.41 -13.03
CA LYS A 221 28.67 7.80 -12.27
C LYS A 221 28.32 7.79 -10.79
N LEU A 222 29.18 7.19 -9.98
CA LEU A 222 29.00 7.14 -8.54
C LEU A 222 29.91 8.18 -7.88
N THR A 223 29.31 9.04 -7.07
CA THR A 223 30.03 10.07 -6.33
C THR A 223 29.41 10.21 -4.94
N PRO A 224 30.17 10.73 -3.97
CA PRO A 224 29.57 11.03 -2.66
C PRO A 224 28.41 12.01 -2.72
N GLU A 225 28.36 12.87 -3.73
CA GLU A 225 27.31 13.88 -3.78
C GLU A 225 25.94 13.27 -4.16
N SER A 226 25.93 12.24 -5.00
CA SER A 226 24.70 11.76 -5.61
C SER A 226 24.36 10.31 -5.28
N THR A 227 25.30 9.52 -4.79
CA THR A 227 25.07 8.10 -4.58
C THR A 227 24.86 7.80 -3.10
N ARG A 228 23.88 6.94 -2.82
CA ARG A 228 23.57 6.50 -1.46
C ARG A 228 23.66 4.98 -1.43
N PHE A 229 24.44 4.46 -0.49
CA PHE A 229 24.78 3.04 -0.38
C PHE A 229 24.11 2.35 0.80
N MET A 230 23.58 1.15 0.53
CA MET A 230 23.14 0.22 1.56
C MET A 230 24.02 -1.03 1.45
N ILE A 231 24.44 -1.57 2.58
CA ILE A 231 25.29 -2.77 2.59
C ILE A 231 24.69 -3.80 3.55
N CYS A 232 24.46 -5.01 3.04
CA CYS A 232 24.00 -6.08 3.92
C CYS A 232 24.55 -7.41 3.46
N GLY A 233 25.25 -8.09 4.34
CA GLY A 233 25.71 -9.42 3.98
C GLY A 233 26.74 -9.92 4.96
N ASN A 234 27.64 -10.75 4.44
CA ASN A 234 28.70 -11.33 5.23
C ASN A 234 29.44 -10.24 6.01
N PRO A 235 29.59 -10.38 7.32
CA PRO A 235 30.28 -9.36 8.11
C PRO A 235 31.65 -8.97 7.58
N GLU A 236 32.44 -9.93 7.05
CA GLU A 236 33.72 -9.51 6.49
C GLU A 236 33.51 -8.68 5.24
N MET A 237 32.50 -9.02 4.44
CA MET A 237 32.20 -8.20 3.26
C MET A 237 31.74 -6.81 3.69
N VAL A 238 30.95 -6.73 4.75
CA VAL A 238 30.48 -5.42 5.18
C VAL A 238 31.65 -4.53 5.59
N LYS A 239 32.56 -5.06 6.43
CA LYS A 239 33.72 -4.29 6.84
C LYS A 239 34.54 -3.88 5.62
N ASP A 240 34.85 -4.85 4.74
CA ASP A 240 35.64 -4.55 3.55
C ASP A 240 34.94 -3.54 2.65
N THR A 241 33.62 -3.64 2.50
CA THR A 241 32.95 -2.68 1.63
C THR A 241 32.95 -1.29 2.25
N PHE A 242 32.61 -1.21 3.54
CA PHE A 242 32.61 0.05 4.28
C PHE A 242 33.96 0.74 4.18
N GLN A 243 35.04 -0.02 4.43
CA GLN A 243 36.39 0.53 4.34
C GLN A 243 36.68 1.07 2.94
N THR A 244 36.28 0.30 1.91
CA THR A 244 36.50 0.73 0.54
C THR A 244 35.76 2.03 0.25
N LEU A 245 34.50 2.10 0.68
CA LEU A 245 33.72 3.31 0.43
C LEU A 245 34.30 4.51 1.17
N LEU A 246 34.75 4.31 2.42
CA LEU A 246 35.38 5.39 3.14
C LEU A 246 36.60 5.90 2.37
N ASP A 247 37.40 5.00 1.82
CA ASP A 247 38.58 5.43 1.08
C ASP A 247 38.19 6.18 -0.18
N MET A 248 36.97 5.97 -0.69
CA MET A 248 36.50 6.67 -1.87
C MET A 248 35.73 7.94 -1.53
N GLY A 249 35.71 8.35 -0.26
CA GLY A 249 35.17 9.63 0.14
C GLY A 249 33.75 9.61 0.69
N TYR A 250 33.17 8.43 0.90
CA TYR A 250 31.82 8.29 1.42
C TYR A 250 31.86 8.26 2.94
N ALA A 251 30.70 8.41 3.57
CA ALA A 251 30.68 8.50 5.03
C ALA A 251 29.50 7.73 5.59
N MET A 252 29.66 7.29 6.84
CA MET A 252 28.60 6.56 7.52
C MET A 252 27.46 7.49 7.82
N HIS A 253 26.24 7.00 7.64
CA HIS A 253 25.08 7.72 8.13
C HIS A 253 25.03 7.60 9.65
N ARG A 254 24.71 8.71 10.31
CA ARG A 254 24.71 8.77 11.75
C ARG A 254 23.41 9.41 12.24
N ASN A 255 23.26 9.46 13.56
CA ASN A 255 22.08 10.12 14.12
C ASN A 255 22.02 11.59 13.72
N ARG A 256 23.18 12.22 13.53
CA ARG A 256 23.24 13.65 13.23
C ARG A 256 23.95 14.00 11.93
N ILE A 257 24.50 13.01 11.22
CA ILE A 257 25.18 13.22 9.95
C ILE A 257 24.42 12.45 8.86
N PRO A 258 23.92 13.12 7.81
CA PRO A 258 23.17 12.37 6.78
C PRO A 258 23.99 11.24 6.18
N GLY A 259 25.23 11.51 5.79
CA GLY A 259 26.11 10.47 5.30
C GLY A 259 25.60 9.77 4.05
N GLN A 260 26.36 8.77 3.56
CA GLN A 260 25.98 8.09 2.33
C GLN A 260 26.02 6.58 2.46
N ILE A 261 26.21 6.04 3.67
CA ILE A 261 26.39 4.61 3.88
C ILE A 261 25.48 4.16 5.04
N MET A 262 24.73 3.10 4.81
CA MET A 262 24.05 2.35 5.86
C MET A 262 24.40 0.87 5.71
N MET A 263 24.49 0.18 6.83
CA MET A 263 24.97 -1.20 6.78
C MET A 263 24.35 -2.04 7.88
N GLU A 264 24.28 -3.34 7.61
CA GLU A 264 23.76 -4.31 8.58
C GLU A 264 24.39 -5.66 8.27
N ASN A 265 24.91 -6.32 9.30
CA ASN A 265 25.47 -7.64 9.09
C ASN A 265 24.37 -8.62 8.74
N GLY A 266 24.58 -9.38 7.66
CA GLY A 266 23.59 -10.35 7.24
C GLY A 266 23.50 -11.57 8.14
N PHE A 267 24.42 -11.69 9.10
CA PHE A 267 24.38 -12.75 10.09
C PHE A 267 25.43 -12.61 11.19
N GLU B 14 -12.36 -2.22 25.13
CA GLU B 14 -13.72 -1.87 25.52
C GLU B 14 -14.73 -2.94 25.06
N ALA B 15 -15.65 -2.54 24.19
CA ALA B 15 -16.66 -3.43 23.65
C ALA B 15 -16.09 -4.22 22.47
N LYS B 16 -16.87 -5.16 21.94
CA LYS B 16 -16.41 -5.96 20.80
C LYS B 16 -16.65 -5.26 19.46
N PHE B 17 -17.17 -4.04 19.46
CA PHE B 17 -17.46 -3.34 18.20
C PHE B 17 -17.28 -1.84 18.42
N THR B 18 -17.30 -1.10 17.31
CA THR B 18 -17.35 0.35 17.31
C THR B 18 -18.58 0.83 16.58
N GLU B 19 -18.99 2.05 16.89
CA GLU B 19 -20.05 2.73 16.19
C GLU B 19 -19.43 3.54 15.05
N GLU B 20 -19.73 3.14 13.82
CA GLU B 20 -19.29 3.85 12.62
C GLU B 20 -20.50 4.49 11.97
N LYS B 21 -20.23 5.17 10.85
CA LYS B 21 -21.26 5.91 10.12
C LYS B 21 -21.34 5.43 8.67
N ILE B 22 -22.56 5.41 8.14
CA ILE B 22 -22.75 5.20 6.71
C ILE B 22 -22.31 6.46 6.00
N LEU B 23 -21.34 6.34 5.09
CA LEU B 23 -20.90 7.49 4.31
C LEU B 23 -21.74 7.67 3.04
N TRP B 24 -22.08 6.59 2.38
CA TRP B 24 -22.92 6.70 1.20
C TRP B 24 -23.51 5.32 0.92
N VAL B 25 -24.61 5.33 0.17
CA VAL B 25 -25.27 4.11 -0.30
C VAL B 25 -25.56 4.32 -1.79
N LYS B 26 -25.15 3.37 -2.61
CA LYS B 26 -25.42 3.40 -4.05
C LYS B 26 -26.42 2.29 -4.35
N HIS B 27 -27.59 2.66 -4.85
CA HIS B 27 -28.61 1.70 -5.25
C HIS B 27 -28.41 1.41 -6.74
N HIS B 28 -27.61 0.40 -7.02
CA HIS B 28 -27.31 0.04 -8.40
C HIS B 28 -28.57 -0.49 -9.10
N THR B 29 -29.33 -1.34 -8.41
CA THR B 29 -30.63 -1.80 -8.88
C THR B 29 -31.56 -1.82 -7.68
N PRO B 30 -32.86 -2.13 -7.86
CA PRO B 30 -33.73 -2.25 -6.68
C PRO B 30 -33.25 -3.26 -5.66
N LYS B 31 -32.41 -4.23 -6.04
CA LYS B 31 -32.00 -5.27 -5.11
C LYS B 31 -30.53 -5.24 -4.76
N LEU B 32 -29.72 -4.45 -5.45
CA LEU B 32 -28.28 -4.51 -5.29
C LEU B 32 -27.77 -3.15 -4.85
N ILE B 33 -27.03 -3.12 -3.75
CA ILE B 33 -26.45 -1.90 -3.25
C ILE B 33 -24.99 -2.14 -2.92
N THR B 34 -24.20 -1.08 -3.03
CA THR B 34 -22.92 -0.96 -2.37
C THR B 34 -23.00 0.23 -1.43
N PHE B 35 -22.18 0.19 -0.37
CA PHE B 35 -22.18 1.28 0.58
C PHE B 35 -20.85 1.30 1.28
N ALA B 36 -20.55 2.42 1.94
CA ALA B 36 -19.27 2.59 2.61
C ALA B 36 -19.49 3.14 4.01
N ILE B 37 -18.66 2.69 4.95
CA ILE B 37 -18.75 3.10 6.35
C ILE B 37 -17.40 3.64 6.79
N SER B 38 -17.43 4.53 7.78
CA SER B 38 -16.17 5.02 8.32
C SER B 38 -15.36 3.87 8.88
N ARG B 39 -14.04 3.99 8.75
CA ARG B 39 -13.11 2.93 9.12
C ARG B 39 -12.28 3.35 10.33
N PRO B 40 -12.45 2.72 11.48
CA PRO B 40 -11.58 3.04 12.62
C PRO B 40 -10.12 2.80 12.23
N GLU B 41 -9.23 3.64 12.77
CA GLU B 41 -7.83 3.59 12.35
C GLU B 41 -7.19 2.24 12.66
N SER B 42 -7.69 1.54 13.67
CA SER B 42 -7.14 0.26 14.12
C SER B 42 -7.84 -0.97 13.52
N TYR B 43 -8.66 -0.80 12.48
CA TYR B 43 -9.34 -1.94 11.85
C TYR B 43 -8.47 -2.47 10.72
N ARG B 44 -7.98 -3.69 10.88
CA ARG B 44 -7.09 -4.32 9.93
C ARG B 44 -7.74 -5.62 9.48
N PHE B 45 -7.65 -5.91 8.18
CA PHE B 45 -8.25 -7.11 7.61
C PHE B 45 -7.38 -7.53 6.45
N LYS B 46 -7.49 -8.80 6.07
CA LYS B 46 -6.76 -9.26 4.90
C LYS B 46 -7.71 -9.31 3.71
N ALA B 47 -7.23 -8.85 2.55
CA ALA B 47 -8.06 -8.89 1.36
C ALA B 47 -8.65 -10.29 1.22
N GLY B 48 -9.98 -10.36 1.10
CA GLY B 48 -10.67 -11.63 1.08
C GLY B 48 -11.46 -11.96 2.33
N GLN B 49 -11.30 -11.20 3.40
CA GLN B 49 -11.98 -11.48 4.65
C GLN B 49 -13.31 -10.72 4.74
N PHE B 50 -14.08 -11.05 5.78
CA PHE B 50 -15.37 -10.40 5.98
C PHE B 50 -15.43 -9.71 7.34
N SER B 51 -16.21 -8.63 7.38
CA SER B 51 -16.55 -7.94 8.63
C SER B 51 -17.86 -8.49 9.14
N ARG B 52 -18.18 -8.10 10.37
N ARG B 52 -18.17 -8.12 10.38
CA ARG B 52 -19.52 -8.27 10.91
CA ARG B 52 -19.52 -8.28 10.92
C ARG B 52 -20.09 -6.88 11.16
C ARG B 52 -20.08 -6.88 11.15
N LEU B 53 -21.20 -6.58 10.49
CA LEU B 53 -21.90 -5.32 10.63
C LEU B 53 -23.19 -5.54 11.40
N GLY B 54 -23.59 -4.55 12.19
CA GLY B 54 -24.77 -4.73 13.01
C GLY B 54 -25.51 -3.45 13.32
N PHE B 55 -26.65 -3.63 13.97
CA PHE B 55 -27.46 -2.53 14.46
C PHE B 55 -28.01 -2.86 15.84
N TYR B 56 -28.25 -1.81 16.61
CA TYR B 56 -29.03 -1.98 17.83
C TYR B 56 -30.44 -2.42 17.47
N GLU B 57 -30.87 -3.52 18.08
CA GLU B 57 -32.19 -4.08 17.82
C GLU B 57 -32.92 -4.20 19.15
N GLY B 58 -33.65 -3.14 19.50
CA GLY B 58 -34.29 -3.09 20.81
C GLY B 58 -33.22 -3.20 21.88
N LYS B 59 -33.42 -4.14 22.81
CA LYS B 59 -32.42 -4.33 23.85
C LYS B 59 -31.28 -5.25 23.41
N GLY B 60 -31.31 -5.74 22.17
CA GLY B 60 -30.30 -6.62 21.63
C GLY B 60 -29.72 -6.09 20.34
N PHE B 61 -29.25 -7.02 19.50
CA PHE B 61 -28.52 -6.70 18.29
C PHE B 61 -29.03 -7.50 17.11
N ILE B 62 -28.61 -7.09 15.92
CA ILE B 62 -28.65 -7.92 14.72
C ILE B 62 -27.29 -7.81 14.06
N TRP B 63 -26.70 -8.96 13.74
CA TRP B 63 -25.36 -9.00 13.15
C TRP B 63 -25.39 -9.86 11.90
N ARG B 64 -24.66 -9.41 10.88
CA ARG B 64 -24.50 -10.19 9.65
C ARG B 64 -23.08 -9.99 9.15
N ALA B 65 -22.64 -10.94 8.30
CA ALA B 65 -21.31 -10.93 7.71
C ALA B 65 -21.33 -10.34 6.31
N TYR B 66 -20.29 -9.56 5.98
CA TYR B 66 -20.14 -9.01 4.62
C TYR B 66 -18.66 -8.95 4.31
N SER B 67 -18.30 -9.46 3.13
CA SER B 67 -16.92 -9.41 2.68
C SER B 67 -16.53 -7.97 2.37
N VAL B 68 -15.31 -7.59 2.75
CA VAL B 68 -14.84 -6.24 2.45
C VAL B 68 -14.54 -6.14 0.96
N VAL B 69 -15.17 -5.17 0.31
CA VAL B 69 -14.98 -4.99 -1.12
C VAL B 69 -13.78 -4.10 -1.44
N SER B 70 -13.50 -3.10 -0.60
CA SER B 70 -12.47 -2.10 -0.86
C SER B 70 -11.08 -2.62 -0.49
N ALA B 71 -10.06 -1.89 -0.95
CA ALA B 71 -8.69 -2.36 -0.82
C ALA B 71 -8.22 -2.23 0.62
N GLU B 72 -7.27 -3.09 1.00
CA GLU B 72 -6.73 -3.04 2.35
C GLU B 72 -6.24 -1.66 2.76
N TYR B 73 -5.70 -0.87 1.81
CA TYR B 73 -5.10 0.43 2.06
C TYR B 73 -6.09 1.59 2.02
N ALA B 74 -7.33 1.36 1.62
CA ALA B 74 -8.30 2.44 1.47
C ALA B 74 -8.73 2.98 2.82
N ASP B 75 -9.21 4.23 2.82
CA ASP B 75 -9.53 4.97 4.04
C ASP B 75 -10.98 4.82 4.48
N THR B 76 -11.78 4.08 3.73
CA THR B 76 -13.13 3.73 4.14
C THR B 76 -13.24 2.21 4.06
N LEU B 77 -14.41 1.70 4.45
CA LEU B 77 -14.77 0.30 4.27
C LEU B 77 -15.99 0.22 3.37
N GLU B 78 -15.91 -0.60 2.34
CA GLU B 78 -16.95 -0.72 1.33
C GLU B 78 -17.52 -2.13 1.33
N TYR B 79 -18.82 -2.25 1.11
CA TYR B 79 -19.53 -3.52 1.12
C TYR B 79 -20.53 -3.59 -0.01
N PHE B 80 -20.93 -4.81 -0.34
CA PHE B 80 -21.84 -5.11 -1.45
C PHE B 80 -22.89 -6.09 -0.97
N ALA B 81 -24.15 -5.67 -0.97
CA ALA B 81 -25.21 -6.46 -0.36
C ALA B 81 -26.35 -6.68 -1.35
N VAL B 82 -26.83 -7.91 -1.40
CA VAL B 82 -28.07 -8.23 -2.09
C VAL B 82 -29.21 -8.11 -1.09
N LEU B 83 -30.21 -7.30 -1.41
CA LEU B 83 -31.40 -7.15 -0.56
C LEU B 83 -32.34 -8.35 -0.75
N ILE B 84 -32.55 -9.10 0.33
CA ILE B 84 -33.36 -10.31 0.33
C ILE B 84 -34.80 -9.95 0.69
N GLN B 85 -35.74 -10.42 -0.11
CA GLN B 85 -37.15 -10.28 0.20
C GLN B 85 -37.43 -10.80 1.61
N ASP B 86 -38.04 -9.96 2.44
CA ASP B 86 -38.41 -10.27 3.82
C ASP B 86 -37.21 -10.53 4.73
N GLY B 87 -36.00 -10.24 4.28
CA GLY B 87 -34.84 -10.36 5.13
C GLY B 87 -34.82 -9.32 6.21
N PRO B 88 -34.50 -9.71 7.44
CA PRO B 88 -34.44 -8.69 8.50
C PRO B 88 -33.37 -7.65 8.25
N MET B 89 -32.13 -8.05 7.92
CA MET B 89 -31.08 -7.06 7.69
C MET B 89 -31.30 -6.30 6.38
N SER B 90 -31.80 -6.99 5.36
CA SER B 90 -32.13 -6.34 4.11
C SER B 90 -33.08 -5.17 4.34
N ALA B 91 -34.05 -5.33 5.24
CA ALA B 91 -35.00 -4.25 5.51
C ALA B 91 -34.28 -3.01 6.03
N LEU B 92 -33.34 -3.19 6.96
CA LEU B 92 -32.60 -2.04 7.49
C LEU B 92 -31.69 -1.44 6.43
N PHE B 93 -30.97 -2.28 5.69
CA PHE B 93 -30.12 -1.78 4.61
C PHE B 93 -30.93 -0.97 3.60
N ALA B 94 -32.19 -1.39 3.37
CA ALA B 94 -33.02 -0.77 2.35
C ALA B 94 -33.41 0.66 2.70
N LYS B 95 -33.44 0.98 3.98
CA LYS B 95 -33.80 2.31 4.41
C LYS B 95 -32.64 3.12 4.92
N MET B 96 -31.45 2.54 5.06
CA MET B 96 -30.33 3.27 5.61
C MET B 96 -29.86 4.38 4.67
N GLN B 97 -29.33 5.45 5.26
CA GLN B 97 -28.78 6.53 4.47
C GLN B 97 -27.52 7.09 5.12
N GLN B 98 -26.88 7.98 4.38
CA GLN B 98 -25.67 8.66 4.84
C GLN B 98 -25.91 9.34 6.19
N GLY B 99 -24.96 9.12 7.12
CA GLY B 99 -25.01 9.66 8.47
C GLY B 99 -25.60 8.73 9.51
N ASP B 100 -26.23 7.63 9.10
CA ASP B 100 -26.76 6.67 10.04
C ASP B 100 -25.62 5.96 10.76
N THR B 101 -25.84 5.64 12.03
CA THR B 101 -24.91 4.83 12.77
C THR B 101 -25.04 3.37 12.33
N ILE B 102 -23.90 2.69 12.18
CA ILE B 102 -23.85 1.25 11.96
C ILE B 102 -22.71 0.68 12.80
N LEU B 103 -22.89 -0.56 13.24
CA LEU B 103 -21.94 -1.22 14.14
C LEU B 103 -20.98 -2.10 13.35
N LEU B 104 -19.68 -2.00 13.67
CA LEU B 104 -18.63 -2.78 13.02
C LEU B 104 -17.92 -3.65 14.06
N ASP B 105 -18.03 -4.97 13.92
CA ASP B 105 -17.26 -5.86 14.77
C ASP B 105 -15.78 -5.55 14.61
N LYS B 106 -15.07 -5.44 15.75
CA LYS B 106 -13.66 -5.04 15.74
C LYS B 106 -12.75 -6.03 15.03
N ASN B 107 -13.19 -7.26 14.79
CA ASN B 107 -12.33 -8.27 14.21
C ASN B 107 -12.87 -8.71 12.85
N ALA B 108 -11.96 -8.86 11.90
CA ALA B 108 -12.25 -9.41 10.59
C ALA B 108 -11.93 -10.91 10.59
N THR B 109 -12.68 -11.66 9.78
CA THR B 109 -12.63 -13.11 9.81
C THR B 109 -12.50 -13.66 8.39
N GLY B 110 -12.03 -14.89 8.29
CA GLY B 110 -12.06 -15.59 7.02
C GLY B 110 -10.71 -16.13 6.60
N PHE B 111 -10.74 -17.19 5.78
CA PHE B 111 -9.55 -17.88 5.29
C PHE B 111 -9.36 -17.86 3.78
N LEU B 112 -10.14 -17.06 3.05
CA LEU B 112 -9.94 -16.88 1.61
C LEU B 112 -8.69 -16.05 1.37
N LEU B 113 -7.53 -16.71 1.38
CA LEU B 113 -6.26 -16.01 1.29
C LEU B 113 -5.41 -16.69 0.23
N PRO B 114 -5.44 -16.20 -1.01
CA PRO B 114 -4.72 -16.88 -2.09
C PRO B 114 -3.21 -16.89 -1.90
N GLU B 115 -2.67 -16.04 -1.04
CA GLU B 115 -1.23 -16.07 -0.78
C GLU B 115 -0.80 -17.31 -0.04
N ARG B 116 -1.73 -18.09 0.52
CA ARG B 116 -1.33 -19.38 1.09
C ARG B 116 -0.94 -20.39 0.02
N PHE B 117 -1.32 -20.15 -1.23
CA PHE B 117 -0.88 -21.02 -2.32
C PHE B 117 0.61 -20.86 -2.51
N PRO B 118 1.40 -21.94 -2.42
CA PRO B 118 2.86 -21.82 -2.60
C PRO B 118 3.25 -21.32 -3.97
N ASP B 119 2.68 -21.90 -5.02
CA ASP B 119 3.02 -21.56 -6.40
C ASP B 119 1.73 -21.57 -7.23
N GLY B 120 1.89 -21.60 -8.53
CA GLY B 120 0.75 -21.58 -9.41
C GLY B 120 0.96 -20.51 -10.47
N LYS B 121 0.56 -20.82 -11.70
CA LYS B 121 0.68 -19.85 -12.78
C LYS B 121 -0.55 -18.97 -12.86
N ASP B 122 -1.75 -19.54 -12.64
CA ASP B 122 -2.99 -18.83 -12.94
C ASP B 122 -3.97 -18.95 -11.78
N LEU B 123 -4.36 -17.80 -11.25
CA LEU B 123 -5.38 -17.72 -10.22
C LEU B 123 -6.73 -17.53 -10.90
N VAL B 124 -7.69 -18.41 -10.58
CA VAL B 124 -9.02 -18.35 -11.15
C VAL B 124 -9.99 -18.27 -9.99
N MET B 125 -10.71 -17.15 -9.90
CA MET B 125 -11.70 -16.95 -8.85
C MET B 125 -13.10 -17.21 -9.40
N LEU B 126 -13.84 -18.11 -8.75
CA LEU B 126 -15.19 -18.47 -9.19
C LEU B 126 -16.21 -18.01 -8.15
N CYS B 127 -17.16 -17.20 -8.59
CA CYS B 127 -18.15 -16.68 -7.65
C CYS B 127 -19.50 -16.55 -8.32
N THR B 128 -20.53 -16.45 -7.48
CA THR B 128 -21.90 -16.15 -7.87
C THR B 128 -22.42 -14.97 -7.04
N GLY B 129 -23.21 -14.11 -7.66
CA GLY B 129 -23.93 -13.10 -6.90
C GLY B 129 -23.01 -12.21 -6.08
N SER B 130 -23.32 -12.06 -4.79
CA SER B 130 -22.48 -11.18 -3.98
C SER B 130 -21.16 -11.82 -3.58
N GLY B 131 -20.95 -13.10 -3.89
CA GLY B 131 -19.68 -13.76 -3.64
C GLY B 131 -18.50 -13.17 -4.39
N ILE B 132 -18.72 -12.21 -5.30
CA ILE B 132 -17.62 -11.49 -5.91
C ILE B 132 -16.93 -10.55 -4.92
N ALA B 133 -17.61 -10.14 -3.84
CA ALA B 133 -17.11 -9.10 -2.94
C ALA B 133 -15.67 -9.35 -2.48
N PRO B 134 -15.33 -10.48 -1.86
CA PRO B 134 -13.93 -10.64 -1.43
C PRO B 134 -12.96 -10.58 -2.59
N PHE B 135 -13.37 -11.03 -3.77
CA PHE B 135 -12.41 -11.07 -4.87
C PHE B 135 -12.07 -9.68 -5.35
N LEU B 136 -12.99 -8.74 -5.22
CA LEU B 136 -12.71 -7.37 -5.60
C LEU B 136 -11.61 -6.80 -4.74
N SER B 137 -11.62 -7.11 -3.45
CA SER B 137 -10.57 -6.64 -2.56
C SER B 137 -9.25 -7.34 -2.84
N ILE B 138 -9.28 -8.63 -3.16
CA ILE B 138 -8.06 -9.36 -3.48
C ILE B 138 -7.39 -8.78 -4.72
N LEU B 139 -8.21 -8.35 -5.67
CA LEU B 139 -7.69 -7.77 -6.90
C LEU B 139 -6.84 -6.52 -6.68
N GLU B 140 -6.96 -5.87 -5.53
CA GLU B 140 -6.16 -4.68 -5.23
C GLU B 140 -4.83 -4.99 -4.55
N GLN B 141 -4.58 -6.24 -4.14
CA GLN B 141 -3.33 -6.56 -3.48
C GLN B 141 -2.22 -6.63 -4.52
N PRO B 142 -1.22 -5.75 -4.45
CA PRO B 142 -0.17 -5.77 -5.49
C PRO B 142 0.54 -7.10 -5.60
N GLU B 143 0.74 -7.79 -4.48
CA GLU B 143 1.49 -9.04 -4.49
C GLU B 143 0.72 -10.17 -5.21
N ILE B 144 -0.62 -10.12 -5.22
CA ILE B 144 -1.36 -11.14 -5.96
C ILE B 144 -1.03 -11.08 -7.45
N ARG B 145 -1.05 -9.86 -8.01
CA ARG B 145 -0.76 -9.70 -9.43
C ARG B 145 0.70 -10.03 -9.73
N GLN B 146 1.59 -9.93 -8.76
CA GLN B 146 2.99 -10.25 -9.00
C GLN B 146 3.23 -11.78 -9.03
N ARG B 147 2.52 -12.54 -8.17
CA ARG B 147 2.74 -13.98 -7.99
C ARG B 147 2.20 -14.81 -9.15
N PHE B 148 1.11 -14.39 -9.79
CA PHE B 148 0.43 -15.20 -10.79
C PHE B 148 0.59 -14.59 -12.17
N ASP B 149 0.85 -15.45 -13.16
CA ASP B 149 0.99 -14.97 -14.53
C ASP B 149 -0.29 -14.31 -15.01
N THR B 150 -1.43 -14.88 -14.66
CA THR B 150 -2.74 -14.30 -14.94
C THR B 150 -3.60 -14.46 -13.71
N VAL B 151 -4.55 -13.55 -13.57
CA VAL B 151 -5.55 -13.56 -12.52
C VAL B 151 -6.92 -13.49 -13.20
N ASN B 152 -7.79 -14.43 -12.88
CA ASN B 152 -9.02 -14.58 -13.63
C ASN B 152 -10.20 -14.56 -12.68
N LEU B 153 -11.24 -13.83 -13.08
CA LEU B 153 -12.43 -13.65 -12.26
C LEU B 153 -13.64 -13.99 -13.13
N ILE B 154 -14.35 -15.06 -12.76
CA ILE B 154 -15.56 -15.49 -13.42
C ILE B 154 -16.72 -15.27 -12.45
N HIS B 155 -17.69 -14.44 -12.84
CA HIS B 155 -18.79 -14.01 -11.99
C HIS B 155 -20.11 -14.45 -12.61
N SER B 156 -20.86 -15.27 -11.88
CA SER B 156 -22.11 -15.83 -12.36
C SER B 156 -23.27 -15.12 -11.68
N VAL B 157 -24.17 -14.55 -12.49
CA VAL B 157 -25.42 -13.98 -12.03
C VAL B 157 -26.50 -14.41 -13.02
N SER B 158 -27.76 -14.20 -12.64
CA SER B 158 -28.85 -14.60 -13.52
C SER B 158 -29.05 -13.60 -14.65
N PHE B 159 -28.94 -12.31 -14.37
CA PHE B 159 -29.23 -11.35 -15.42
C PHE B 159 -28.14 -10.30 -15.49
N PRO B 160 -27.81 -9.83 -16.69
CA PRO B 160 -26.67 -8.92 -16.86
C PRO B 160 -26.79 -7.62 -16.07
N GLU B 161 -28.03 -7.17 -15.77
CA GLU B 161 -28.18 -6.00 -14.91
C GLU B 161 -27.59 -6.24 -13.54
N GLU B 162 -27.37 -7.49 -13.16
CA GLU B 162 -26.77 -7.81 -11.88
C GLU B 162 -25.25 -7.79 -11.92
N LEU B 163 -24.65 -7.62 -13.10
CA LEU B 163 -23.19 -7.50 -13.21
C LEU B 163 -22.79 -6.04 -12.95
N ILE B 164 -22.96 -5.61 -11.70
CA ILE B 164 -22.82 -4.18 -11.42
C ILE B 164 -21.38 -3.69 -11.43
N PHE B 165 -20.39 -4.59 -11.38
CA PHE B 165 -19.00 -4.16 -11.47
C PHE B 165 -18.44 -4.34 -12.87
N ASN B 166 -19.29 -4.73 -13.82
CA ASN B 166 -18.85 -5.11 -15.15
C ASN B 166 -17.97 -4.04 -15.80
N ASP B 167 -18.43 -2.79 -15.79
CA ASP B 167 -17.73 -1.75 -16.53
C ASP B 167 -16.26 -1.64 -16.11
N ARG B 168 -15.99 -1.61 -14.80
CA ARG B 168 -14.61 -1.37 -14.39
C ARG B 168 -13.74 -2.63 -14.51
N LEU B 169 -14.26 -3.79 -14.12
CA LEU B 169 -13.51 -5.04 -14.29
C LEU B 169 -13.12 -5.24 -15.76
N ALA B 170 -14.09 -5.13 -16.67
CA ALA B 170 -13.80 -5.31 -18.09
C ALA B 170 -12.84 -4.24 -18.60
N ALA B 171 -12.86 -3.05 -18.00
CA ALA B 171 -11.89 -2.03 -18.35
C ALA B 171 -10.51 -2.40 -17.82
N LEU B 172 -10.45 -3.00 -16.63
CA LEU B 172 -9.19 -3.47 -16.08
C LEU B 172 -8.62 -4.63 -16.87
N SER B 173 -9.48 -5.47 -17.47
CA SER B 173 -9.09 -6.56 -18.34
C SER B 173 -8.51 -6.05 -19.66
N GLU B 174 -8.69 -4.76 -19.98
CA GLU B 174 -8.18 -4.18 -21.22
C GLU B 174 -7.11 -3.11 -20.97
N HIS B 183 1.69 -9.46 -16.63
CA HIS B 183 0.77 -10.15 -15.73
C HIS B 183 -0.68 -9.71 -15.98
N SER B 184 -1.43 -10.55 -16.70
CA SER B 184 -2.73 -10.19 -17.26
C SER B 184 -3.85 -10.36 -16.23
N PHE B 185 -4.92 -9.59 -16.40
CA PHE B 185 -6.16 -9.82 -15.67
C PHE B 185 -7.30 -10.09 -16.65
N ARG B 186 -8.11 -11.11 -16.36
CA ARG B 186 -9.24 -11.46 -17.21
C ARG B 186 -10.52 -11.48 -16.39
N PHE B 187 -11.59 -10.95 -16.99
CA PHE B 187 -12.92 -11.00 -16.41
C PHE B 187 -13.84 -11.69 -17.40
N VAL B 188 -14.59 -12.67 -16.91
CA VAL B 188 -15.57 -13.38 -17.72
C VAL B 188 -16.92 -13.32 -17.00
N PRO B 189 -17.84 -12.47 -17.45
CA PRO B 189 -19.18 -12.49 -16.87
C PRO B 189 -19.93 -13.71 -17.37
N VAL B 190 -20.71 -14.31 -16.47
CA VAL B 190 -21.59 -15.44 -16.81
C VAL B 190 -23.01 -15.05 -16.45
N THR B 191 -23.89 -15.06 -17.42
CA THR B 191 -25.29 -14.80 -17.15
C THR B 191 -26.09 -16.07 -17.41
N THR B 192 -26.76 -16.56 -16.36
CA THR B 192 -27.36 -17.89 -16.42
C THR B 192 -28.78 -17.89 -16.95
N ARG B 193 -29.49 -16.77 -16.90
CA ARG B 193 -30.88 -16.76 -17.34
C ARG B 193 -31.10 -15.78 -18.48
N ALA B 194 -30.03 -15.18 -19.01
CA ALA B 194 -30.15 -14.38 -20.22
C ALA B 194 -28.79 -14.29 -20.90
N ALA B 195 -28.82 -13.99 -22.19
CA ALA B 195 -27.58 -13.79 -22.91
C ALA B 195 -26.90 -12.51 -22.45
N ASN B 196 -25.57 -12.51 -22.52
CA ASN B 196 -24.80 -11.29 -22.37
C ASN B 196 -23.72 -11.30 -23.44
N PRO B 197 -23.35 -10.14 -23.99
CA PRO B 197 -22.46 -10.15 -25.15
C PRO B 197 -21.04 -10.57 -24.81
N SER B 198 -20.52 -10.07 -23.69
CA SER B 198 -19.09 -10.17 -23.38
C SER B 198 -18.67 -11.59 -23.00
N GLY B 199 -19.49 -12.28 -22.20
CA GLY B 199 -19.06 -13.53 -21.62
C GLY B 199 -19.83 -14.76 -22.05
N LEU B 200 -20.18 -15.58 -21.07
CA LEU B 200 -20.86 -16.84 -21.28
C LEU B 200 -22.31 -16.77 -20.79
N SER B 201 -23.21 -17.44 -21.49
CA SER B 201 -24.62 -17.35 -21.19
C SER B 201 -25.24 -18.73 -21.14
N GLY B 202 -26.20 -18.91 -20.23
CA GLY B 202 -27.10 -20.06 -20.26
C GLY B 202 -26.71 -21.22 -19.38
N LYS B 203 -25.49 -21.22 -18.84
CA LYS B 203 -24.98 -22.39 -18.13
C LYS B 203 -24.29 -21.96 -16.85
N ARG B 204 -24.46 -22.76 -15.81
CA ARG B 204 -23.82 -22.52 -14.53
C ARG B 204 -22.36 -22.91 -14.59
N ILE B 205 -21.60 -22.38 -13.61
CA ILE B 205 -20.14 -22.53 -13.64
C ILE B 205 -19.70 -23.99 -13.66
N PRO B 206 -20.27 -24.91 -12.85
CA PRO B 206 -19.82 -26.31 -12.93
C PRO B 206 -19.86 -26.89 -14.33
N GLU B 207 -20.91 -26.61 -15.11
CA GLU B 207 -20.96 -27.15 -16.46
C GLU B 207 -19.93 -26.51 -17.37
N LEU B 208 -19.63 -25.22 -17.13
CA LEU B 208 -18.64 -24.49 -17.92
C LEU B 208 -17.21 -24.95 -17.64
N LEU B 209 -16.94 -25.48 -16.44
CA LEU B 209 -15.65 -26.13 -16.23
C LEU B 209 -15.58 -27.46 -16.99
N LYS B 210 -16.65 -28.25 -16.93
CA LYS B 210 -16.64 -29.56 -17.55
C LYS B 210 -16.57 -29.49 -19.07
N ASN B 211 -17.28 -28.55 -19.70
CA ASN B 211 -17.30 -28.45 -21.15
C ASN B 211 -16.23 -27.52 -21.71
N ASN B 212 -15.27 -27.12 -20.88
CA ASN B 212 -14.09 -26.32 -21.24
C ASN B 212 -14.40 -24.89 -21.65
N SER B 213 -15.62 -24.39 -21.44
CA SER B 213 -15.94 -23.03 -21.91
C SER B 213 -15.11 -21.97 -21.18
N ILE B 214 -14.98 -22.10 -19.86
CA ILE B 214 -14.21 -21.13 -19.10
C ILE B 214 -12.75 -21.17 -19.54
N GLU B 215 -12.20 -22.38 -19.71
CA GLU B 215 -10.83 -22.49 -20.16
C GLU B 215 -10.69 -21.87 -21.55
N GLN B 216 -11.71 -22.00 -22.38
CA GLN B 216 -11.66 -21.38 -23.69
C GLN B 216 -11.79 -19.86 -23.58
N ALA B 217 -12.72 -19.39 -22.73
CA ALA B 217 -12.91 -17.95 -22.57
C ALA B 217 -11.64 -17.26 -22.06
N LEU B 218 -10.86 -17.92 -21.22
CA LEU B 218 -9.62 -17.36 -20.69
C LEU B 218 -8.44 -17.49 -21.65
N HIS B 219 -8.53 -18.37 -22.65
CA HIS B 219 -7.44 -18.65 -23.57
C HIS B 219 -6.19 -19.15 -22.82
N THR B 220 -6.42 -19.93 -21.77
CA THR B 220 -5.35 -20.49 -20.96
C THR B 220 -5.71 -21.91 -20.56
N LYS B 221 -4.79 -22.86 -20.78
CA LYS B 221 -5.03 -24.24 -20.37
C LYS B 221 -5.05 -24.33 -18.85
N LEU B 222 -6.03 -25.05 -18.32
CA LEU B 222 -6.16 -25.27 -16.88
C LEU B 222 -5.76 -26.70 -16.55
N THR B 223 -4.83 -26.84 -15.60
CA THR B 223 -4.35 -28.13 -15.15
C THR B 223 -4.14 -28.07 -13.65
N PRO B 224 -4.19 -29.21 -12.95
CA PRO B 224 -3.83 -29.21 -11.53
C PRO B 224 -2.43 -28.71 -11.25
N GLU B 225 -1.51 -28.80 -12.22
CA GLU B 225 -0.14 -28.37 -12.00
C GLU B 225 -0.02 -26.85 -11.97
N SER B 226 -0.84 -26.14 -12.75
CA SER B 226 -0.61 -24.73 -12.97
C SER B 226 -1.74 -23.81 -12.52
N THR B 227 -2.94 -24.32 -12.28
CA THR B 227 -4.11 -23.51 -11.99
C THR B 227 -4.46 -23.57 -10.51
N ARG B 228 -4.82 -22.42 -9.94
CA ARG B 228 -5.23 -22.32 -8.55
C ARG B 228 -6.60 -21.68 -8.50
N PHE B 229 -7.54 -22.32 -7.80
CA PHE B 229 -8.94 -21.90 -7.79
C PHE B 229 -9.38 -21.33 -6.45
N MET B 230 -10.15 -20.25 -6.51
CA MET B 230 -10.91 -19.73 -5.38
C MET B 230 -12.40 -19.80 -5.71
N ILE B 231 -13.21 -20.17 -4.72
CA ILE B 231 -14.66 -20.26 -4.90
C ILE B 231 -15.35 -19.50 -3.78
N CYS B 232 -16.26 -18.58 -4.13
CA CYS B 232 -17.07 -17.92 -3.13
C CYS B 232 -18.46 -17.69 -3.70
N GLY B 233 -19.48 -18.17 -3.00
CA GLY B 233 -20.81 -17.86 -3.49
C GLY B 233 -21.84 -18.77 -2.88
N ASN B 234 -22.89 -19.00 -3.67
CA ASN B 234 -24.02 -19.84 -3.27
C ASN B 234 -23.52 -21.17 -2.73
N PRO B 235 -23.92 -21.57 -1.52
CA PRO B 235 -23.40 -22.84 -0.97
C PRO B 235 -23.62 -24.02 -1.88
N GLU B 236 -24.75 -24.10 -2.59
CA GLU B 236 -24.95 -25.21 -3.52
C GLU B 236 -23.95 -25.14 -4.67
N MET B 237 -23.65 -23.92 -5.15
CA MET B 237 -22.65 -23.75 -6.20
C MET B 237 -21.25 -24.10 -5.70
N VAL B 238 -20.90 -23.72 -4.46
CA VAL B 238 -19.58 -24.06 -3.96
C VAL B 238 -19.42 -25.58 -3.92
N LYS B 239 -20.41 -26.29 -3.38
CA LYS B 239 -20.37 -27.75 -3.38
C LYS B 239 -20.27 -28.31 -4.80
N ASP B 240 -21.14 -27.84 -5.71
CA ASP B 240 -21.13 -28.35 -7.07
C ASP B 240 -19.81 -28.05 -7.75
N THR B 241 -19.24 -26.86 -7.52
CA THR B 241 -17.97 -26.49 -8.14
C THR B 241 -16.82 -27.32 -7.59
N PHE B 242 -16.74 -27.45 -6.25
CA PHE B 242 -15.71 -28.26 -5.62
C PHE B 242 -15.77 -29.71 -6.12
N GLN B 243 -16.97 -30.30 -6.16
CA GLN B 243 -17.07 -31.67 -6.64
C GLN B 243 -16.52 -31.79 -8.05
N THR B 244 -16.89 -30.83 -8.92
CA THR B 244 -16.44 -30.86 -10.31
C THR B 244 -14.93 -30.74 -10.42
N LEU B 245 -14.33 -29.85 -9.63
CA LEU B 245 -12.88 -29.74 -9.65
C LEU B 245 -12.23 -31.02 -9.13
N LEU B 246 -12.80 -31.62 -8.08
CA LEU B 246 -12.27 -32.89 -7.60
C LEU B 246 -12.23 -33.93 -8.70
N ASP B 247 -13.30 -33.99 -9.50
CA ASP B 247 -13.36 -34.94 -10.61
C ASP B 247 -12.37 -34.61 -11.72
N MET B 248 -11.97 -33.35 -11.84
CA MET B 248 -11.02 -32.96 -12.86
C MET B 248 -9.57 -33.01 -12.39
N GLY B 249 -9.32 -33.59 -11.22
CA GLY B 249 -7.98 -33.83 -10.73
C GLY B 249 -7.45 -32.82 -9.74
N TYR B 250 -8.28 -31.88 -9.29
CA TYR B 250 -7.86 -30.86 -8.33
C TYR B 250 -8.10 -31.33 -6.90
N ALA B 251 -7.48 -30.64 -5.94
CA ALA B 251 -7.56 -31.07 -4.54
C ALA B 251 -7.72 -29.87 -3.65
N MET B 252 -8.34 -30.11 -2.49
CA MET B 252 -8.57 -29.05 -1.52
C MET B 252 -7.24 -28.64 -0.91
N HIS B 253 -7.06 -27.33 -0.76
CA HIS B 253 -5.96 -26.85 0.04
C HIS B 253 -6.24 -27.17 1.50
N ARG B 254 -5.22 -27.63 2.20
CA ARG B 254 -5.34 -28.04 3.59
C ARG B 254 -4.21 -27.42 4.39
N ASN B 255 -4.24 -27.63 5.70
CA ASN B 255 -3.18 -27.13 6.56
C ASN B 255 -1.81 -27.67 6.15
N ARG B 256 -1.75 -28.89 5.62
CA ARG B 256 -0.48 -29.52 5.27
C ARG B 256 -0.36 -29.92 3.81
N ILE B 257 -1.40 -29.72 3.01
CA ILE B 257 -1.38 -30.02 1.58
C ILE B 257 -1.55 -28.71 0.84
N PRO B 258 -0.61 -28.31 -0.05
CA PRO B 258 -0.80 -27.06 -0.78
C PRO B 258 -2.08 -27.03 -1.59
N GLY B 259 -2.40 -28.11 -2.30
CA GLY B 259 -3.68 -28.18 -2.98
C GLY B 259 -3.88 -27.09 -4.01
N GLN B 260 -5.08 -27.03 -4.62
CA GLN B 260 -5.39 -26.07 -5.67
C GLN B 260 -6.73 -25.37 -5.49
N ILE B 261 -7.45 -25.62 -4.39
CA ILE B 261 -8.81 -25.12 -4.21
C ILE B 261 -8.95 -24.52 -2.83
N MET B 262 -9.39 -23.26 -2.75
CA MET B 262 -9.90 -22.67 -1.53
C MET B 262 -11.35 -22.26 -1.79
N MET B 263 -12.16 -22.27 -0.74
CA MET B 263 -13.57 -21.98 -0.93
C MET B 263 -14.16 -21.39 0.34
N GLU B 264 -15.21 -20.61 0.15
CA GLU B 264 -15.93 -19.99 1.27
C GLU B 264 -17.37 -19.78 0.83
N ASN B 265 -18.31 -20.17 1.68
CA ASN B 265 -19.71 -19.96 1.35
C ASN B 265 -20.04 -18.47 1.40
N GLY B 266 -20.67 -17.97 0.33
CA GLY B 266 -21.00 -16.56 0.21
C GLY B 266 -22.12 -16.11 1.08
N PHE B 267 -22.84 -17.04 1.71
CA PHE B 267 -23.90 -16.73 2.65
C PHE B 267 -24.31 -18.00 3.36
N GLU C 14 0.33 4.29 28.05
CA GLU C 14 1.19 5.22 28.77
C GLU C 14 0.76 6.68 28.51
N ALA C 15 1.65 7.46 27.89
CA ALA C 15 1.44 8.87 27.62
C ALA C 15 0.65 9.10 26.33
N LYS C 16 0.33 10.36 26.06
CA LYS C 16 -0.42 10.76 24.87
C LYS C 16 0.47 11.00 23.64
N PHE C 17 1.78 10.83 23.75
CA PHE C 17 2.68 11.06 22.62
C PHE C 17 3.87 10.13 22.73
N THR C 18 4.66 10.08 21.66
CA THR C 18 5.94 9.39 21.65
C THR C 18 7.04 10.36 21.28
N GLU C 19 8.27 9.99 21.68
CA GLU C 19 9.47 10.73 21.32
C GLU C 19 10.04 10.14 20.04
N GLU C 20 10.07 10.94 19.00
CA GLU C 20 10.66 10.60 17.73
C GLU C 20 11.90 11.47 17.48
N LYS C 21 12.54 11.24 16.34
CA LYS C 21 13.74 11.96 15.95
C LYS C 21 13.52 12.62 14.58
N ILE C 22 14.13 13.79 14.39
CA ILE C 22 14.21 14.39 13.07
C ILE C 22 15.21 13.58 12.24
N LEU C 23 14.75 13.07 11.10
CA LEU C 23 15.62 12.32 10.21
C LEU C 23 16.40 13.23 9.26
N TRP C 24 15.76 14.28 8.77
CA TRP C 24 16.39 15.25 7.90
C TRP C 24 15.53 16.50 7.83
N VAL C 25 16.15 17.60 7.41
CA VAL C 25 15.49 18.88 7.21
C VAL C 25 15.96 19.43 5.89
N LYS C 26 15.02 19.80 5.03
CA LYS C 26 15.32 20.41 3.74
C LYS C 26 14.92 21.88 3.78
N HIS C 27 15.90 22.77 3.62
CA HIS C 27 15.65 24.22 3.57
C HIS C 27 15.54 24.60 2.09
N HIS C 28 14.30 24.55 1.59
CA HIS C 28 14.03 24.86 0.18
C HIS C 28 14.24 26.34 -0.13
N THR C 29 13.77 27.23 0.75
CA THR C 29 14.03 28.66 0.67
C THR C 29 14.33 29.13 2.09
N PRO C 30 14.69 30.39 2.31
CA PRO C 30 14.84 30.85 3.69
C PRO C 30 13.60 30.68 4.54
N LYS C 31 12.41 30.57 3.94
CA LYS C 31 11.17 30.54 4.71
C LYS C 31 10.42 29.22 4.63
N LEU C 32 10.78 28.32 3.72
CA LEU C 32 9.99 27.13 3.46
C LEU C 32 10.86 25.91 3.69
N ILE C 33 10.40 25.00 4.56
CA ILE C 33 11.15 23.77 4.82
C ILE C 33 10.21 22.57 4.73
N THR C 34 10.78 21.43 4.37
CA THR C 34 10.19 20.13 4.61
C THR C 34 11.10 19.38 5.57
N PHE C 35 10.52 18.44 6.30
CA PHE C 35 11.32 17.61 7.18
C PHE C 35 10.59 16.31 7.41
N ALA C 36 11.33 15.32 7.90
CA ALA C 36 10.82 13.98 8.13
C ALA C 36 11.18 13.53 9.53
N ILE C 37 10.29 12.76 10.14
CA ILE C 37 10.51 12.24 11.49
C ILE C 37 10.31 10.74 11.49
N SER C 38 10.96 10.07 12.43
CA SER C 38 10.75 8.64 12.59
C SER C 38 9.28 8.36 12.91
N ARG C 39 8.78 7.23 12.39
CA ARG C 39 7.36 6.89 12.48
C ARG C 39 7.15 5.66 13.36
N PRO C 40 6.55 5.79 14.53
CA PRO C 40 6.23 4.60 15.34
C PRO C 40 5.30 3.67 14.58
N GLU C 41 5.48 2.37 14.79
CA GLU C 41 4.66 1.42 14.04
C GLU C 41 3.19 1.52 14.37
N SER C 42 2.83 2.07 15.51
CA SER C 42 1.43 2.15 15.89
C SER C 42 0.78 3.46 15.46
N TYR C 43 1.45 4.26 14.63
CA TYR C 43 0.90 5.53 14.16
C TYR C 43 0.22 5.32 12.81
N ARG C 44 -1.08 5.46 12.77
CA ARG C 44 -1.83 5.24 11.55
C ARG C 44 -2.58 6.52 11.25
N PHE C 45 -2.63 6.89 9.98
CA PHE C 45 -3.33 8.11 9.61
C PHE C 45 -3.97 7.91 8.25
N LYS C 46 -4.99 8.71 7.98
CA LYS C 46 -5.61 8.72 6.67
C LYS C 46 -5.07 9.90 5.89
N ALA C 47 -4.73 9.67 4.63
CA ALA C 47 -4.23 10.75 3.79
C ALA C 47 -5.18 11.94 3.85
N GLY C 48 -4.61 13.11 4.13
CA GLY C 48 -5.36 14.33 4.34
C GLY C 48 -5.42 14.77 5.79
N GLN C 49 -5.00 13.92 6.72
CA GLN C 49 -5.09 14.28 8.13
C GLN C 49 -3.81 14.98 8.58
N PHE C 50 -3.85 15.55 9.79
CA PHE C 50 -2.70 16.24 10.35
C PHE C 50 -2.29 15.63 11.68
N SER C 51 -1.00 15.77 11.97
CA SER C 51 -0.37 15.43 13.24
C SER C 51 -0.34 16.63 14.16
N ARG C 52 -0.17 16.35 15.44
CA ARG C 52 0.29 17.35 16.40
C ARG C 52 1.74 17.01 16.71
N LEU C 53 2.64 17.90 16.32
CA LEU C 53 4.06 17.83 16.64
C LEU C 53 4.38 18.79 17.79
N GLY C 54 5.35 18.40 18.61
CA GLY C 54 5.66 19.23 19.74
C GLY C 54 7.11 19.11 20.18
N PHE C 55 7.47 19.96 21.14
CA PHE C 55 8.77 19.94 21.77
C PHE C 55 8.62 20.18 23.25
N TYR C 56 9.54 19.58 24.02
CA TYR C 56 9.72 19.96 25.41
C TYR C 56 10.19 21.40 25.49
N GLU C 57 9.47 22.21 26.26
CA GLU C 57 9.79 23.61 26.45
C GLU C 57 9.88 23.81 27.97
N GLY C 58 11.09 23.66 28.51
CA GLY C 58 11.26 23.69 29.95
C GLY C 58 10.41 22.62 30.64
N LYS C 59 9.62 23.06 31.62
CA LYS C 59 8.73 22.18 32.37
C LYS C 59 7.43 21.89 31.64
N GLY C 60 7.23 22.45 30.45
CA GLY C 60 6.00 22.26 29.71
C GLY C 60 6.28 21.78 28.29
N PHE C 61 5.35 22.14 27.41
CA PHE C 61 5.35 21.70 26.02
C PHE C 61 5.09 22.88 25.12
N ILE C 62 5.32 22.67 23.83
CA ILE C 62 4.74 23.50 22.77
C ILE C 62 4.21 22.55 21.70
N TRP C 63 2.97 22.76 21.26
CA TRP C 63 2.33 21.89 20.28
C TRP C 63 1.79 22.71 19.12
N ARG C 64 1.93 22.16 17.91
CA ARG C 64 1.34 22.71 16.70
C ARG C 64 0.92 21.57 15.79
N ALA C 65 -0.04 21.87 14.89
CA ALA C 65 -0.57 20.92 13.91
C ALA C 65 0.12 21.04 12.57
N TYR C 66 0.38 19.90 11.91
CA TYR C 66 0.96 19.85 10.57
C TYR C 66 0.33 18.71 9.78
N SER C 67 -0.09 19.01 8.55
CA SER C 67 -0.63 17.96 7.69
C SER C 67 0.50 17.02 7.29
N VAL C 68 0.21 15.70 7.32
CA VAL C 68 1.23 14.76 6.89
C VAL C 68 1.32 14.80 5.37
N VAL C 69 2.54 15.02 4.87
CA VAL C 69 2.78 15.14 3.43
C VAL C 69 3.04 13.79 2.76
N SER C 70 3.66 12.85 3.46
CA SER C 70 4.07 11.57 2.92
C SER C 70 2.89 10.60 2.86
N ALA C 71 3.11 9.48 2.18
CA ALA C 71 2.05 8.51 1.92
C ALA C 71 1.70 7.72 3.17
N GLU C 72 0.45 7.24 3.22
CA GLU C 72 0.01 6.36 4.30
C GLU C 72 0.94 5.17 4.50
N TYR C 73 1.52 4.64 3.42
CA TYR C 73 2.35 3.44 3.48
C TYR C 73 3.83 3.73 3.72
N ALA C 74 4.23 5.00 3.76
CA ALA C 74 5.64 5.34 3.90
C ALA C 74 6.16 4.98 5.30
N ASP C 75 7.48 4.82 5.39
CA ASP C 75 8.16 4.39 6.61
C ASP C 75 8.65 5.56 7.46
N THR C 76 8.49 6.78 6.99
CA THR C 76 8.73 7.98 7.78
C THR C 76 7.45 8.81 7.75
N LEU C 77 7.45 9.93 8.48
CA LEU C 77 6.39 10.94 8.43
C LEU C 77 7.01 12.24 7.96
N GLU C 78 6.44 12.83 6.92
CA GLU C 78 7.01 13.99 6.27
C GLU C 78 6.06 15.18 6.40
N TYR C 79 6.63 16.38 6.59
CA TYR C 79 5.84 17.59 6.81
C TYR C 79 6.45 18.78 6.07
N PHE C 80 5.62 19.82 5.89
CA PHE C 80 5.95 21.00 5.11
C PHE C 80 5.56 22.25 5.90
N ALA C 81 6.55 23.05 6.29
CA ALA C 81 6.34 24.15 7.23
C ALA C 81 6.81 25.47 6.63
N VAL C 82 5.97 26.50 6.75
CA VAL C 82 6.35 27.88 6.47
C VAL C 82 6.87 28.51 7.76
N LEU C 83 8.06 29.07 7.73
CA LEU C 83 8.62 29.74 8.89
C LEU C 83 7.98 31.13 9.03
N ILE C 84 7.26 31.34 10.12
CA ILE C 84 6.58 32.60 10.38
C ILE C 84 7.48 33.50 11.21
N GLN C 85 7.68 34.72 10.72
CA GLN C 85 8.48 35.71 11.41
C GLN C 85 7.98 35.85 12.85
N ASP C 86 8.89 35.68 13.81
CA ASP C 86 8.62 35.75 15.25
C ASP C 86 7.69 34.64 15.75
N GLY C 87 7.41 33.63 14.97
CA GLY C 87 6.63 32.52 15.47
C GLY C 87 7.40 31.67 16.47
N PRO C 88 6.75 31.25 17.55
CA PRO C 88 7.44 30.40 18.53
C PRO C 88 7.89 29.07 17.93
N MET C 89 6.99 28.37 17.23
CA MET C 89 7.35 27.07 16.68
C MET C 89 8.27 27.24 15.48
N SER C 90 8.05 28.29 14.68
CA SER C 90 8.95 28.57 13.57
C SER C 90 10.39 28.72 14.05
N ALA C 91 10.59 29.39 15.19
CA ALA C 91 11.95 29.59 15.69
C ALA C 91 12.63 28.25 15.97
N LEU C 92 11.92 27.32 16.61
CA LEU C 92 12.52 26.02 16.87
C LEU C 92 12.77 25.27 15.56
N PHE C 93 11.80 25.29 14.65
CA PHE C 93 11.96 24.68 13.34
C PHE C 93 13.18 25.25 12.60
N ALA C 94 13.47 26.54 12.79
CA ALA C 94 14.53 27.21 12.06
C ALA C 94 15.92 26.76 12.51
N LYS C 95 16.07 26.26 13.73
CA LYS C 95 17.35 25.78 14.18
C LYS C 95 17.41 24.25 14.36
N MET C 96 16.30 23.53 14.22
CA MET C 96 16.36 22.10 14.48
C MET C 96 17.24 21.38 13.46
N GLN C 97 17.81 20.25 13.88
CA GLN C 97 18.73 19.49 13.04
C GLN C 97 18.45 18.00 13.14
N GLN C 98 19.04 17.26 12.21
CA GLN C 98 18.87 15.81 12.19
C GLN C 98 19.34 15.21 13.51
N GLY C 99 18.52 14.33 14.08
CA GLY C 99 18.81 13.72 15.37
C GLY C 99 18.17 14.39 16.56
N ASP C 100 17.61 15.58 16.40
CA ASP C 100 16.89 16.21 17.50
C ASP C 100 15.63 15.41 17.84
N THR C 101 15.30 15.40 19.11
CA THR C 101 14.06 14.80 19.55
C THR C 101 12.88 15.70 19.19
N ILE C 102 11.80 15.08 18.69
CA ILE C 102 10.55 15.80 18.46
C ILE C 102 9.42 14.91 18.95
N LEU C 103 8.36 15.53 19.47
CA LEU C 103 7.25 14.82 20.10
C LEU C 103 6.14 14.59 19.09
N LEU C 104 5.64 13.36 19.04
CA LEU C 104 4.58 12.99 18.12
C LEU C 104 3.36 12.57 18.91
N ASP C 105 2.28 13.34 18.80
CA ASP C 105 1.00 12.94 19.35
C ASP C 105 0.61 11.59 18.74
N LYS C 106 0.16 10.67 19.59
CA LYS C 106 -0.17 9.33 19.13
C LYS C 106 -1.33 9.31 18.14
N ASN C 107 -2.10 10.39 18.02
CA ASN C 107 -3.33 10.42 17.25
C ASN C 107 -3.26 11.41 16.10
N ALA C 108 -3.77 10.99 14.95
CA ALA C 108 -3.97 11.86 13.80
C ALA C 108 -5.42 12.31 13.75
N THR C 109 -5.64 13.52 13.24
CA THR C 109 -6.96 14.15 13.24
C THR C 109 -7.24 14.76 11.88
N GLY C 110 -8.52 15.03 11.64
CA GLY C 110 -8.91 15.82 10.48
C GLY C 110 -9.99 15.13 9.66
N PHE C 111 -10.74 15.95 8.92
CA PHE C 111 -11.85 15.43 8.13
C PHE C 111 -11.67 15.63 6.63
N LEU C 112 -10.51 16.09 6.18
CA LEU C 112 -10.24 16.23 4.75
C LEU C 112 -10.09 14.83 4.15
N LEU C 113 -11.23 14.20 3.86
CA LEU C 113 -11.31 12.82 3.42
C LEU C 113 -12.17 12.72 2.16
N PRO C 114 -11.55 12.73 0.98
CA PRO C 114 -12.36 12.78 -0.26
C PRO C 114 -13.14 11.51 -0.55
N GLU C 115 -12.75 10.39 0.05
CA GLU C 115 -13.49 9.14 -0.18
C GLU C 115 -14.88 9.19 0.45
N ARG C 116 -15.12 10.12 1.37
CA ARG C 116 -16.47 10.34 1.91
C ARG C 116 -17.46 10.88 0.87
N PHE C 117 -16.97 11.49 -0.21
CA PHE C 117 -17.85 11.91 -1.30
C PHE C 117 -18.48 10.68 -1.95
N PRO C 118 -19.81 10.62 -2.03
CA PRO C 118 -20.44 9.46 -2.70
C PRO C 118 -20.02 9.30 -4.17
N ASP C 119 -20.08 10.36 -4.96
CA ASP C 119 -19.71 10.26 -6.37
C ASP C 119 -19.00 11.53 -6.82
N GLY C 120 -18.88 11.69 -8.14
CA GLY C 120 -18.21 12.82 -8.75
C GLY C 120 -17.26 12.32 -9.82
N LYS C 121 -17.21 13.02 -10.95
CA LYS C 121 -16.29 12.62 -12.00
C LYS C 121 -14.90 13.22 -11.79
N ASP C 122 -14.82 14.46 -11.29
CA ASP C 122 -13.58 15.24 -11.25
C ASP C 122 -13.35 15.81 -9.86
N LEU C 123 -12.23 15.44 -9.23
CA LEU C 123 -11.86 16.00 -7.94
C LEU C 123 -10.94 17.20 -8.13
N VAL C 124 -11.29 18.33 -7.52
CA VAL C 124 -10.50 19.56 -7.64
C VAL C 124 -10.08 20.00 -6.24
N MET C 125 -8.78 20.02 -5.99
CA MET C 125 -8.22 20.47 -4.73
C MET C 125 -7.65 21.88 -4.86
N LEU C 126 -8.16 22.80 -4.03
CA LEU C 126 -7.77 24.20 -4.05
C LEU C 126 -7.05 24.51 -2.75
N CYS C 127 -5.83 25.04 -2.86
CA CYS C 127 -5.03 25.31 -1.68
C CYS C 127 -4.18 26.55 -1.89
N THR C 128 -3.73 27.11 -0.78
CA THR C 128 -2.77 28.21 -0.75
C THR C 128 -1.60 27.80 0.13
N GLY C 129 -0.40 28.24 -0.25
CA GLY C 129 0.73 28.12 0.66
C GLY C 129 0.95 26.70 1.10
N SER C 130 1.01 26.48 2.42
CA SER C 130 1.27 25.15 2.94
C SER C 130 0.05 24.22 2.93
N GLY C 131 -1.13 24.73 2.59
CA GLY C 131 -2.32 23.90 2.46
C GLY C 131 -2.24 22.84 1.37
N ILE C 132 -1.16 22.84 0.58
CA ILE C 132 -0.95 21.77 -0.37
C ILE C 132 -0.63 20.47 0.36
N ALA C 133 -0.14 20.57 1.59
CA ALA C 133 0.41 19.43 2.31
C ALA C 133 -0.55 18.24 2.37
N PRO C 134 -1.77 18.38 2.90
CA PRO C 134 -2.64 17.19 2.96
C PRO C 134 -2.91 16.60 1.58
N PHE C 135 -2.99 17.44 0.55
CA PHE C 135 -3.29 16.95 -0.78
C PHE C 135 -2.14 16.13 -1.36
N LEU C 136 -0.90 16.41 -0.94
CA LEU C 136 0.22 15.60 -1.40
C LEU C 136 0.10 14.16 -0.93
N SER C 137 -0.33 13.95 0.32
CA SER C 137 -0.55 12.60 0.82
C SER C 137 -1.78 11.96 0.18
N ILE C 138 -2.84 12.75 -0.05
CA ILE C 138 -4.04 12.23 -0.69
C ILE C 138 -3.71 11.74 -2.09
N LEU C 139 -2.80 12.44 -2.78
CA LEU C 139 -2.42 12.06 -4.13
C LEU C 139 -1.76 10.70 -4.20
N GLU C 140 -1.27 10.17 -3.08
CA GLU C 140 -0.65 8.84 -3.10
C GLU C 140 -1.63 7.71 -2.86
N GLN C 141 -2.87 8.01 -2.49
CA GLN C 141 -3.85 6.95 -2.25
C GLN C 141 -4.35 6.38 -3.57
N PRO C 142 -4.08 5.09 -3.87
CA PRO C 142 -4.47 4.54 -5.18
C PRO C 142 -5.96 4.64 -5.47
N GLU C 143 -6.81 4.45 -4.46
CA GLU C 143 -8.25 4.40 -4.69
C GLU C 143 -8.81 5.76 -5.10
N ILE C 144 -8.19 6.86 -4.66
CA ILE C 144 -8.66 8.19 -5.06
C ILE C 144 -8.52 8.36 -6.58
N ARG C 145 -7.37 8.00 -7.13
CA ARG C 145 -7.17 8.16 -8.56
C ARG C 145 -8.02 7.18 -9.35
N GLN C 146 -8.33 6.01 -8.80
CA GLN C 146 -9.14 5.04 -9.53
C GLN C 146 -10.63 5.34 -9.45
N ARG C 147 -11.09 6.15 -8.50
CA ARG C 147 -12.53 6.43 -8.45
C ARG C 147 -12.93 7.76 -9.08
N PHE C 148 -12.03 8.74 -9.18
CA PHE C 148 -12.31 9.99 -9.87
C PHE C 148 -11.72 9.98 -11.27
N ASP C 149 -12.52 10.45 -12.25
CA ASP C 149 -12.05 10.43 -13.63
C ASP C 149 -10.84 11.33 -13.81
N THR C 150 -10.82 12.48 -13.13
CA THR C 150 -9.65 13.34 -13.09
C THR C 150 -9.42 13.82 -11.66
N VAL C 151 -8.15 14.06 -11.33
CA VAL C 151 -7.76 14.59 -10.03
C VAL C 151 -6.94 15.85 -10.30
N ASN C 152 -7.34 16.97 -9.71
CA ASN C 152 -6.78 18.27 -10.04
C ASN C 152 -6.31 19.00 -8.79
N LEU C 153 -5.14 19.61 -8.88
CA LEU C 153 -4.54 20.31 -7.76
C LEU C 153 -4.12 21.70 -8.21
N ILE C 154 -4.77 22.72 -7.65
CA ILE C 154 -4.48 24.11 -7.92
C ILE C 154 -3.88 24.72 -6.68
N HIS C 155 -2.67 25.24 -6.80
CA HIS C 155 -1.86 25.71 -5.68
C HIS C 155 -1.54 27.18 -5.86
N SER C 156 -1.95 28.02 -4.90
CA SER C 156 -1.76 29.45 -4.97
C SER C 156 -0.69 29.89 -3.98
N VAL C 157 0.34 30.58 -4.49
CA VAL C 157 1.40 31.22 -3.70
C VAL C 157 1.69 32.58 -4.30
N SER C 158 2.46 33.39 -3.59
CA SER C 158 2.74 34.73 -4.12
C SER C 158 3.78 34.72 -5.24
N PHE C 159 4.84 33.93 -5.10
CA PHE C 159 5.92 33.96 -6.06
C PHE C 159 6.31 32.56 -6.46
N PRO C 160 6.76 32.36 -7.70
CA PRO C 160 6.99 30.98 -8.16
C PRO C 160 8.01 30.25 -7.31
N GLU C 161 8.94 30.98 -6.69
CA GLU C 161 9.93 30.34 -5.82
C GLU C 161 9.28 29.57 -4.67
N GLU C 162 8.02 29.86 -4.36
CA GLU C 162 7.30 29.16 -3.31
C GLU C 162 6.62 27.89 -3.80
N LEU C 163 6.66 27.60 -5.10
CA LEU C 163 6.15 26.35 -5.64
C LEU C 163 7.21 25.26 -5.51
N ILE C 164 7.50 24.86 -4.26
CA ILE C 164 8.64 23.96 -4.08
C ILE C 164 8.34 22.52 -4.50
N PHE C 165 7.07 22.17 -4.74
CA PHE C 165 6.70 20.85 -5.25
C PHE C 165 6.43 20.87 -6.74
N ASN C 166 6.65 22.01 -7.39
CA ASN C 166 6.31 22.20 -8.79
C ASN C 166 6.93 21.13 -9.68
N ASP C 167 8.24 20.93 -9.58
CA ASP C 167 8.91 20.03 -10.50
C ASP C 167 8.28 18.64 -10.46
N ARG C 168 8.03 18.10 -9.26
CA ARG C 168 7.58 16.70 -9.20
C ARG C 168 6.11 16.57 -9.59
N LEU C 169 5.25 17.48 -9.10
CA LEU C 169 3.84 17.45 -9.50
C LEU C 169 3.69 17.53 -11.01
N ALA C 170 4.31 18.53 -11.64
CA ALA C 170 4.16 18.76 -13.08
C ALA C 170 4.68 17.58 -13.89
N ALA C 171 5.64 16.82 -13.36
CA ALA C 171 6.04 15.60 -14.05
C ALA C 171 4.97 14.52 -13.90
N LEU C 172 4.32 14.47 -12.74
CA LEU C 172 3.22 13.53 -12.56
C LEU C 172 2.05 13.90 -13.45
N SER C 173 1.86 15.21 -13.69
CA SER C 173 0.83 15.77 -14.55
C SER C 173 1.07 15.46 -16.03
N GLU C 174 2.30 15.12 -16.41
CA GLU C 174 2.66 14.83 -17.80
C GLU C 174 3.10 13.39 -18.00
N HIS C 183 -7.05 7.80 -16.27
CA HIS C 183 -7.44 8.79 -15.26
C HIS C 183 -6.36 9.85 -15.00
N SER C 184 -6.57 11.03 -15.57
CA SER C 184 -5.52 12.03 -15.66
C SER C 184 -5.35 12.76 -14.34
N PHE C 185 -4.14 13.23 -14.10
CA PHE C 185 -3.86 14.16 -13.01
C PHE C 185 -3.38 15.47 -13.59
N ARG C 186 -3.92 16.57 -13.06
CA ARG C 186 -3.55 17.91 -13.49
C ARG C 186 -3.05 18.71 -12.30
N PHE C 187 -1.96 19.46 -12.51
CA PHE C 187 -1.47 20.43 -11.55
C PHE C 187 -1.45 21.80 -12.22
N VAL C 188 -2.04 22.78 -11.56
CA VAL C 188 -2.06 24.16 -12.04
C VAL C 188 -1.47 25.08 -10.98
N PRO C 189 -0.25 25.58 -11.17
CA PRO C 189 0.29 26.59 -10.26
C PRO C 189 -0.36 27.96 -10.48
N VAL C 190 -0.64 28.63 -9.36
CA VAL C 190 -1.15 30.00 -9.34
C VAL C 190 -0.16 30.84 -8.55
N THR C 191 0.42 31.84 -9.19
CA THR C 191 1.32 32.77 -8.51
C THR C 191 0.66 34.13 -8.53
N THR C 192 0.37 34.65 -7.34
CA THR C 192 -0.48 35.85 -7.21
C THR C 192 0.27 37.17 -7.32
N ARG C 193 1.59 37.19 -7.12
CA ARG C 193 2.30 38.46 -7.14
C ARG C 193 3.41 38.51 -8.18
N ALA C 194 3.52 37.50 -9.04
CA ALA C 194 4.42 37.56 -10.19
C ALA C 194 3.89 36.57 -11.21
N ALA C 195 4.31 36.76 -12.46
CA ALA C 195 3.92 35.81 -13.48
C ALA C 195 4.58 34.45 -13.23
N ASN C 196 3.90 33.39 -13.62
CA ASN C 196 4.62 32.13 -13.67
C ASN C 196 4.26 31.50 -15.00
N PRO C 197 5.23 30.84 -15.64
CA PRO C 197 5.02 30.43 -17.04
C PRO C 197 3.99 29.33 -17.21
N SER C 198 3.97 28.31 -16.35
CA SER C 198 3.15 27.13 -16.60
C SER C 198 1.65 27.39 -16.33
N GLY C 199 1.32 28.13 -15.27
CA GLY C 199 -0.07 28.20 -14.83
C GLY C 199 -0.73 29.56 -14.93
N LEU C 200 -1.42 29.96 -13.87
CA LEU C 200 -2.17 31.22 -13.85
C LEU C 200 -1.45 32.23 -12.97
N SER C 201 -1.48 33.49 -13.40
CA SER C 201 -0.72 34.52 -12.71
C SER C 201 -1.60 35.73 -12.44
N GLY C 202 -1.39 36.35 -11.28
CA GLY C 202 -1.91 37.67 -11.00
C GLY C 202 -3.23 37.74 -10.26
N LYS C 203 -3.91 36.61 -10.08
CA LYS C 203 -5.25 36.62 -9.51
C LYS C 203 -5.40 35.49 -8.49
N ARG C 204 -6.19 35.76 -7.46
CA ARG C 204 -6.44 34.76 -6.46
C ARG C 204 -7.46 33.73 -6.96
N ILE C 205 -7.51 32.59 -6.27
CA ILE C 205 -8.34 31.47 -6.72
C ILE C 205 -9.82 31.83 -6.82
N PRO C 206 -10.44 32.50 -5.82
CA PRO C 206 -11.88 32.82 -5.96
C PRO C 206 -12.22 33.55 -7.24
N GLU C 207 -11.38 34.50 -7.66
CA GLU C 207 -11.61 35.19 -8.91
C GLU C 207 -11.39 34.26 -10.10
N LEU C 208 -10.43 33.35 -9.97
CA LEU C 208 -10.17 32.42 -11.05
C LEU C 208 -11.31 31.42 -11.18
N LEU C 209 -12.02 31.13 -10.09
CA LEU C 209 -13.23 30.32 -10.22
C LEU C 209 -14.32 31.08 -10.96
N LYS C 210 -14.51 32.36 -10.61
CA LYS C 210 -15.57 33.15 -11.21
C LYS C 210 -15.34 33.39 -12.70
N ASN C 211 -14.11 33.71 -13.09
CA ASN C 211 -13.83 34.06 -14.48
C ASN C 211 -13.52 32.86 -15.36
N ASN C 212 -13.79 31.65 -14.87
CA ASN C 212 -13.63 30.38 -15.59
C ASN C 212 -12.17 30.06 -15.87
N SER C 213 -11.23 30.79 -15.28
CA SER C 213 -9.83 30.54 -15.56
C SER C 213 -9.40 29.16 -15.07
N ILE C 214 -9.83 28.79 -13.86
CA ILE C 214 -9.48 27.48 -13.35
C ILE C 214 -10.14 26.39 -14.18
N GLU C 215 -11.40 26.61 -14.57
CA GLU C 215 -12.06 25.61 -15.39
C GLU C 215 -11.39 25.46 -16.76
N GLN C 216 -10.97 26.58 -17.35
CA GLN C 216 -10.36 26.50 -18.67
C GLN C 216 -8.99 25.82 -18.62
N ALA C 217 -8.17 26.15 -17.61
CA ALA C 217 -6.85 25.54 -17.52
C ALA C 217 -6.95 24.02 -17.39
N LEU C 218 -8.00 23.52 -16.73
CA LEU C 218 -8.19 22.09 -16.55
C LEU C 218 -8.76 21.39 -17.77
N HIS C 219 -9.34 22.13 -18.72
CA HIS C 219 -9.98 21.54 -19.89
C HIS C 219 -11.07 20.54 -19.50
N THR C 220 -11.82 20.89 -18.44
CA THR C 220 -12.92 20.09 -17.93
C THR C 220 -14.03 21.04 -17.48
N LYS C 221 -15.26 20.79 -17.89
CA LYS C 221 -16.36 21.60 -17.41
C LYS C 221 -16.59 21.29 -15.92
N LEU C 222 -16.79 22.34 -15.13
CA LEU C 222 -17.04 22.22 -13.70
C LEU C 222 -18.52 22.49 -13.40
N THR C 223 -19.19 21.53 -12.78
CA THR C 223 -20.59 21.66 -12.39
C THR C 223 -20.82 20.97 -11.05
N PRO C 224 -21.87 21.36 -10.33
CA PRO C 224 -22.28 20.59 -9.14
C PRO C 224 -22.61 19.15 -9.43
N GLU C 225 -22.90 18.78 -10.68
CA GLU C 225 -23.21 17.39 -10.95
C GLU C 225 -21.96 16.51 -10.96
N SER C 226 -20.83 17.06 -11.40
CA SER C 226 -19.64 16.26 -11.69
C SER C 226 -18.40 16.64 -10.89
N THR C 227 -18.34 17.82 -10.29
CA THR C 227 -17.13 18.33 -9.66
C THR C 227 -17.23 18.26 -8.14
N ARG C 228 -16.15 17.82 -7.50
CA ARG C 228 -16.05 17.75 -6.04
C ARG C 228 -14.83 18.53 -5.59
N PHE C 229 -15.03 19.47 -4.64
CA PHE C 229 -13.98 20.40 -4.23
C PHE C 229 -13.45 20.11 -2.83
N MET C 230 -12.13 20.19 -2.69
CA MET C 230 -11.44 20.24 -1.41
C MET C 230 -10.78 21.60 -1.29
N ILE C 231 -10.82 22.21 -0.10
CA ILE C 231 -10.21 23.51 0.13
C ILE C 231 -9.37 23.43 1.39
N CYS C 232 -8.09 23.84 1.28
CA CYS C 232 -7.21 23.93 2.44
C CYS C 232 -6.26 25.08 2.22
N GLY C 233 -6.22 26.01 3.14
CA GLY C 233 -5.25 27.08 3.03
C GLY C 233 -5.62 28.22 3.95
N ASN C 234 -5.22 29.41 3.53
CA ASN C 234 -5.48 30.61 4.31
C ASN C 234 -6.98 30.67 4.66
N PRO C 235 -7.32 30.86 5.93
CA PRO C 235 -8.75 30.91 6.32
C PRO C 235 -9.54 31.94 5.53
N GLU C 236 -8.97 33.10 5.23
CA GLU C 236 -9.72 34.07 4.43
C GLU C 236 -9.93 33.54 3.01
N MET C 237 -8.93 32.84 2.45
CA MET C 237 -9.12 32.22 1.14
C MET C 237 -10.16 31.12 1.19
N VAL C 238 -10.16 30.30 2.25
CA VAL C 238 -11.16 29.25 2.37
C VAL C 238 -12.57 29.86 2.43
N LYS C 239 -12.75 30.91 3.23
CA LYS C 239 -14.05 31.61 3.29
C LYS C 239 -14.46 32.12 1.91
N ASP C 240 -13.57 32.87 1.26
CA ASP C 240 -13.89 33.45 -0.05
C ASP C 240 -14.19 32.38 -1.07
N THR C 241 -13.40 31.28 -1.05
CA THR C 241 -13.60 30.20 -2.02
C THR C 241 -14.91 29.49 -1.76
N PHE C 242 -15.19 29.13 -0.51
CA PHE C 242 -16.46 28.52 -0.15
C PHE C 242 -17.63 29.41 -0.56
N GLN C 243 -17.57 30.70 -0.20
CA GLN C 243 -18.62 31.62 -0.59
C GLN C 243 -18.73 31.71 -2.11
N THR C 244 -17.59 31.77 -2.80
CA THR C 244 -17.65 31.81 -4.26
C THR C 244 -18.33 30.56 -4.79
N LEU C 245 -17.99 29.39 -4.23
CA LEU C 245 -18.58 28.14 -4.69
C LEU C 245 -20.06 28.06 -4.34
N LEU C 246 -20.47 28.57 -3.18
CA LEU C 246 -21.89 28.59 -2.86
C LEU C 246 -22.67 29.35 -3.93
N ASP C 247 -22.14 30.51 -4.32
CA ASP C 247 -22.79 31.37 -5.30
C ASP C 247 -22.79 30.74 -6.69
N MET C 248 -21.88 29.79 -6.94
CA MET C 248 -21.85 29.09 -8.21
C MET C 248 -22.62 27.78 -8.17
N GLY C 249 -23.43 27.56 -7.14
CA GLY C 249 -24.34 26.44 -7.07
C GLY C 249 -23.90 25.23 -6.28
N TYR C 250 -22.77 25.29 -5.60
CA TYR C 250 -22.25 24.17 -4.84
C TYR C 250 -22.73 24.23 -3.40
N ALA C 251 -22.58 23.12 -2.71
CA ALA C 251 -23.05 23.02 -1.35
C ALA C 251 -22.01 22.27 -0.54
N MET C 252 -21.97 22.57 0.76
CA MET C 252 -21.01 21.91 1.65
C MET C 252 -21.39 20.46 1.87
N HIS C 253 -20.39 19.57 1.91
CA HIS C 253 -20.65 18.22 2.37
C HIS C 253 -20.88 18.24 3.88
N ARG C 254 -21.90 17.51 4.33
CA ARG C 254 -22.32 17.50 5.73
C ARG C 254 -22.51 16.06 6.18
N ASN C 255 -22.84 15.86 7.46
CA ASN C 255 -23.02 14.48 7.94
C ASN C 255 -24.12 13.75 7.17
N ARG C 256 -25.14 14.46 6.71
CA ARG C 256 -26.26 13.83 6.06
C ARG C 256 -26.53 14.37 4.67
N ILE C 257 -25.79 15.39 4.23
CA ILE C 257 -25.95 16.00 2.91
C ILE C 257 -24.71 15.68 2.10
N PRO C 258 -24.84 15.02 0.93
CA PRO C 258 -23.63 14.61 0.18
C PRO C 258 -22.71 15.75 -0.19
N GLY C 259 -23.27 16.86 -0.69
CA GLY C 259 -22.50 18.05 -0.97
C GLY C 259 -21.40 17.85 -1.98
N GLN C 260 -20.67 18.94 -2.24
CA GLN C 260 -19.58 18.92 -3.22
C GLN C 260 -18.34 19.63 -2.68
N ILE C 261 -18.34 20.06 -1.42
CA ILE C 261 -17.24 20.84 -0.85
C ILE C 261 -16.86 20.23 0.48
N MET C 262 -15.57 19.94 0.66
CA MET C 262 -14.97 19.76 1.97
C MET C 262 -13.90 20.82 2.15
N MET C 263 -13.65 21.22 3.38
CA MET C 263 -12.74 22.33 3.61
C MET C 263 -12.06 22.20 4.96
N GLU C 264 -10.88 22.81 5.08
CA GLU C 264 -10.12 22.84 6.32
C GLU C 264 -9.15 24.02 6.29
N ASN C 265 -9.14 24.82 7.38
CA ASN C 265 -8.23 25.95 7.47
C ASN C 265 -6.79 25.46 7.58
N GLY C 266 -5.91 25.98 6.74
CA GLY C 266 -4.53 25.53 6.70
C GLY C 266 -3.68 25.98 7.87
N PHE C 267 -4.20 26.87 8.71
CA PHE C 267 -3.51 27.34 9.90
C PHE C 267 -4.47 28.18 10.73
#